data_6MI2
#
_entry.id   6MI2
#
_cell.length_a   136.903
_cell.length_b   73.338
_cell.length_c   175.121
_cell.angle_alpha   90.000
_cell.angle_beta   98.990
_cell.angle_gamma   90.000
#
_symmetry.space_group_name_H-M   'I 1 2 1'
#
loop_
_entity.id
_entity.type
_entity.pdbx_description
1 polymer 'Utomilumab Fab heavy chain'
2 polymer 'Utomilumab Fab lambda chain'
3 polymer 'Tumor necrosis factor receptor superfamily member 9'
4 branched alpha-L-fucopyranose-(1-6)-2-acetamido-2-deoxy-beta-D-glucopyranose
5 non-polymer 'SULFATE ION'
6 non-polymer GLYCEROL
7 non-polymer 2-acetamido-2-deoxy-beta-D-glucopyranose
8 water water
#
loop_
_entity_poly.entity_id
_entity_poly.type
_entity_poly.pdbx_seq_one_letter_code
_entity_poly.pdbx_strand_id
1 'polypeptide(L)'
;EVQLVQSGAEVKKPGESLRISCKGSGYSFSTYWISWVRQMPGKGLEWMGKIYPGDSYTNYSPSFQGQVTISADKSISTAY
LQWSSLKASDTAMYYCARGYGIFDYWGQGTLVTVSSASTKGPSVFPLAPSSKSTSGGTAALGCLVKDYFPEPVTVSWNSG
ALTSGVHTFPAVLQSSGLYSLSSVVTVPSSSLGTQTYICNVNHKPSNTKVDKKVEPKSCAAAHHHHHHHH
;
A,D
2 'polypeptide(L)'
;SYELTQPPSVSVSPGQTASITCSGDNIGDQYAHWYQQKPGQSPVLVIYQDKNRPSGIPERFSGSNSGNTATLTISGTQAM
DEADYYCATYTGFGSLAVFGGGTKLTVLGQPKAAPSVTLFPPSSEELQANKATLVCLISDFYPGAVTVAWKADSSPVKAG
VETTTPSKQSNNKYAASSYLSLTPEQWKSHRSYSCQVTHEGSTVEKTVAPTECS
;
B,E
3 'polypeptide(L)'
;QDPCSNCPAGTFCDNNRNQICSPCPPNSFSSAGGQRTCDICRQCKGVFRTRKECSSTSNAECDCTPGFHCLGAGCSMCEQ
DCKQGQELTKKGCKDCCFGTFNDQKRGICRPWTNCSLDGKSVLVNGTKERDVVCGPSPENLYFQG
;
F,C
#
# COMPACT_ATOMS: atom_id res chain seq x y z
N GLU A 1 4.80 3.12 11.44
CA GLU A 1 4.61 4.19 12.42
C GLU A 1 3.14 4.35 12.78
N VAL A 2 2.85 4.52 14.07
CA VAL A 2 1.50 4.75 14.52
C VAL A 2 1.01 6.08 13.98
N GLN A 3 -0.13 6.07 13.30
CA GLN A 3 -0.68 7.27 12.69
C GLN A 3 -2.20 7.28 12.80
N LEU A 4 -2.76 8.49 12.88
CA LEU A 4 -4.19 8.71 12.87
C LEU A 4 -4.48 9.72 11.75
N VAL A 5 -5.03 9.24 10.64
CA VAL A 5 -5.34 10.07 9.49
C VAL A 5 -6.84 10.34 9.47
N GLN A 6 -7.21 11.61 9.39
CA GLN A 6 -8.61 12.01 9.44
C GLN A 6 -9.12 12.36 8.05
N SER A 7 -10.43 12.56 7.96
CA SER A 7 -11.09 12.87 6.71
C SER A 7 -10.72 14.28 6.24
N GLY A 8 -11.01 14.56 4.98
CA GLY A 8 -10.77 15.87 4.44
C GLY A 8 -11.77 16.89 4.95
N ALA A 9 -11.46 18.16 4.68
CA ALA A 9 -12.31 19.25 5.12
C ALA A 9 -13.69 19.14 4.48
N GLU A 10 -14.72 19.48 5.26
CA GLU A 10 -16.10 19.38 4.83
C GLU A 10 -16.76 20.75 4.82
N VAL A 11 -17.57 21.01 3.80
CA VAL A 11 -18.34 22.24 3.66
C VAL A 11 -19.79 21.82 3.45
N LYS A 12 -20.57 21.78 4.52
CA LYS A 12 -21.95 21.33 4.47
C LYS A 12 -22.90 22.51 4.67
N LYS A 13 -24.17 22.25 4.49
CA LYS A 13 -25.24 23.22 4.69
C LYS A 13 -26.00 22.91 5.97
N PRO A 14 -26.64 23.89 6.58
CA PRO A 14 -27.47 23.63 7.77
C PRO A 14 -28.59 22.64 7.45
N GLY A 15 -28.71 21.61 8.28
CA GLY A 15 -29.67 20.56 8.08
C GLY A 15 -29.08 19.29 7.47
N GLU A 16 -28.00 19.42 6.72
CA GLU A 16 -27.35 18.26 6.14
C GLU A 16 -26.73 17.37 7.23
N SER A 17 -26.55 16.11 6.88
CA SER A 17 -25.91 15.14 7.76
C SER A 17 -24.46 14.92 7.33
N LEU A 18 -23.62 14.56 8.29
CA LEU A 18 -22.19 14.46 8.03
C LEU A 18 -21.58 13.43 8.98
N ARG A 19 -20.60 12.68 8.46
CA ARG A 19 -19.84 11.73 9.26
C ARG A 19 -18.38 11.79 8.84
N ILE A 20 -17.51 12.17 9.77
CA ILE A 20 -16.09 12.18 9.53
C ILE A 20 -15.47 10.93 10.15
N SER A 21 -14.30 10.53 9.65
CA SER A 21 -13.66 9.29 10.05
C SER A 21 -12.25 9.57 10.57
N CYS A 22 -11.70 8.56 11.24
CA CYS A 22 -10.38 8.67 11.87
C CYS A 22 -9.72 7.29 11.77
N LYS A 23 -8.89 7.11 10.75
CA LYS A 23 -8.25 5.82 10.48
C LYS A 23 -6.95 5.73 11.25
N GLY A 24 -6.87 4.74 12.15
CA GLY A 24 -5.69 4.55 12.95
C GLY A 24 -4.85 3.37 12.49
N SER A 25 -3.67 3.65 11.97
CA SER A 25 -2.77 2.63 11.47
C SER A 25 -1.52 2.54 12.34
N GLY A 26 -0.84 1.40 12.25
CA GLY A 26 0.42 1.20 12.95
C GLY A 26 0.32 0.58 14.32
N TYR A 27 -0.89 0.22 14.78
CA TYR A 27 -1.05 -0.34 16.11
C TYR A 27 -2.33 -1.16 16.14
N SER A 28 -2.47 -1.94 17.21
CA SER A 28 -3.68 -2.72 17.44
C SER A 28 -4.84 -1.78 17.76
N PHE A 29 -5.61 -1.44 16.73
CA PHE A 29 -6.65 -0.42 16.83
C PHE A 29 -7.75 -0.78 17.82
N SER A 30 -7.96 -2.07 18.09
CA SER A 30 -9.10 -2.49 18.91
C SER A 30 -8.88 -2.21 20.39
N THR A 31 -7.64 -2.22 20.86
CA THR A 31 -7.34 -2.14 22.29
C THR A 31 -6.80 -0.78 22.72
N TYR A 32 -7.14 0.27 21.98
CA TYR A 32 -6.79 1.64 22.35
C TYR A 32 -8.01 2.53 22.16
N TRP A 33 -8.37 3.28 23.20
CA TRP A 33 -9.50 4.18 23.11
C TRP A 33 -9.25 5.27 22.06
N ILE A 34 -10.32 5.72 21.42
CA ILE A 34 -10.28 6.83 20.47
C ILE A 34 -11.23 7.90 20.99
N SER A 35 -10.69 9.07 21.31
CA SER A 35 -11.46 10.20 21.80
C SER A 35 -11.58 11.26 20.71
N TRP A 36 -12.76 11.87 20.62
CA TRP A 36 -12.99 12.98 19.70
C TRP A 36 -12.98 14.29 20.47
N VAL A 37 -12.28 15.28 19.91
CA VAL A 37 -12.08 16.57 20.57
C VAL A 37 -12.55 17.67 19.64
N ARG A 38 -13.32 18.61 20.17
CA ARG A 38 -13.82 19.75 19.42
C ARG A 38 -13.01 20.99 19.77
N GLN A 39 -12.76 21.82 18.76
CA GLN A 39 -12.08 23.11 18.95
C GLN A 39 -12.72 24.11 18.02
N MET A 40 -13.53 25.01 18.59
CA MET A 40 -14.17 26.07 17.85
C MET A 40 -13.12 27.05 17.32
N PRO A 41 -13.46 27.81 16.26
CA PRO A 41 -12.51 28.83 15.77
C PRO A 41 -12.13 29.84 16.84
N GLY A 42 -10.87 29.84 17.24
CA GLY A 42 -10.38 30.74 18.26
C GLY A 42 -10.70 30.34 19.69
N LYS A 43 -11.15 29.12 19.92
CA LYS A 43 -11.52 28.65 21.24
C LYS A 43 -10.63 27.49 21.66
N GLY A 44 -10.89 26.98 22.86
CA GLY A 44 -10.09 25.91 23.42
C GLY A 44 -10.52 24.53 22.96
N LEU A 45 -9.94 23.53 23.59
CA LEU A 45 -10.22 22.14 23.28
C LEU A 45 -11.37 21.63 24.13
N GLU A 46 -12.26 20.86 23.51
CA GLU A 46 -13.44 20.31 24.17
C GLU A 46 -13.49 18.81 23.94
N TRP A 47 -13.39 18.04 25.02
CA TRP A 47 -13.53 16.60 24.92
C TRP A 47 -14.99 16.25 24.65
N MET A 48 -15.24 15.56 23.54
CA MET A 48 -16.60 15.22 23.13
C MET A 48 -17.04 13.85 23.60
N GLY A 49 -16.12 12.92 23.76
CA GLY A 49 -16.44 11.55 24.12
C GLY A 49 -15.47 10.60 23.46
N LYS A 50 -15.38 9.39 24.02
CA LYS A 50 -14.44 8.39 23.57
C LYS A 50 -15.18 7.11 23.16
N ILE A 51 -14.42 6.19 22.56
CA ILE A 51 -14.97 4.92 22.12
C ILE A 51 -13.86 3.87 22.19
N TYR A 52 -14.22 2.68 22.69
CA TYR A 52 -13.30 1.55 22.66
C TYR A 52 -13.62 0.70 21.46
N PRO A 53 -12.79 0.72 20.41
CA PRO A 53 -13.16 0.03 19.16
C PRO A 53 -13.25 -1.48 19.28
N GLY A 54 -12.72 -2.07 20.35
CA GLY A 54 -12.80 -3.52 20.51
C GLY A 54 -14.23 -4.02 20.54
N ASP A 55 -15.08 -3.39 21.35
CA ASP A 55 -16.49 -3.76 21.46
C ASP A 55 -17.41 -2.57 21.17
N SER A 56 -16.87 -1.50 20.58
CA SER A 56 -17.62 -0.31 20.18
C SER A 56 -18.35 0.36 21.34
N TYR A 57 -17.86 0.19 22.56
CA TYR A 57 -18.44 0.91 23.69
C TYR A 57 -18.13 2.40 23.55
N THR A 58 -19.15 3.23 23.76
CA THR A 58 -19.02 4.67 23.56
C THR A 58 -19.35 5.42 24.84
N ASN A 59 -18.76 6.61 24.96
CA ASN A 59 -18.97 7.48 26.10
C ASN A 59 -19.02 8.92 25.60
N TYR A 60 -19.72 9.78 26.35
CA TYR A 60 -19.92 11.15 25.93
C TYR A 60 -19.83 12.07 27.14
N SER A 61 -19.34 13.29 26.88
CA SER A 61 -19.36 14.35 27.87
C SER A 61 -20.75 14.99 27.90
N PRO A 62 -21.12 15.61 29.02
CA PRO A 62 -22.47 16.21 29.11
C PRO A 62 -22.75 17.23 28.02
N SER A 63 -21.74 17.94 27.53
CA SER A 63 -21.97 18.96 26.51
C SER A 63 -22.38 18.37 25.17
N PHE A 64 -22.07 17.09 24.93
CA PHE A 64 -22.33 16.47 23.63
C PHE A 64 -23.24 15.25 23.71
N GLN A 65 -23.74 14.91 24.90
CA GLN A 65 -24.68 13.80 25.01
C GLN A 65 -25.94 14.09 24.18
N GLY A 66 -26.23 13.21 23.24
CA GLY A 66 -27.38 13.39 22.38
C GLY A 66 -27.21 14.39 21.25
N GLN A 67 -26.01 14.96 21.10
CA GLN A 67 -25.73 15.88 20.01
C GLN A 67 -25.01 15.23 18.83
N VAL A 68 -24.14 14.26 19.09
CA VAL A 68 -23.41 13.55 18.04
C VAL A 68 -23.40 12.07 18.38
N THR A 69 -22.99 11.26 17.39
CA THR A 69 -22.85 9.83 17.56
C THR A 69 -21.43 9.42 17.20
N ILE A 70 -20.81 8.61 18.05
CA ILE A 70 -19.46 8.11 17.84
C ILE A 70 -19.54 6.61 17.57
N SER A 71 -18.94 6.17 16.46
CA SER A 71 -19.00 4.78 16.04
C SER A 71 -17.63 4.35 15.53
N ALA A 72 -17.42 3.04 15.51
CA ALA A 72 -16.14 2.48 15.08
C ALA A 72 -16.35 1.17 14.35
N ASP A 73 -15.79 1.09 13.14
CA ASP A 73 -15.75 -0.15 12.36
C ASP A 73 -14.33 -0.70 12.49
N LYS A 74 -14.11 -1.56 13.49
CA LYS A 74 -12.76 -2.04 13.77
C LYS A 74 -12.24 -2.98 12.71
N SER A 75 -13.06 -3.42 11.76
CA SER A 75 -12.57 -4.26 10.68
C SER A 75 -11.66 -3.48 9.73
N ILE A 76 -11.73 -2.15 9.75
CA ILE A 76 -10.88 -1.32 8.89
C ILE A 76 -10.17 -0.27 9.73
N SER A 77 -10.14 -0.48 11.04
CA SER A 77 -9.38 0.37 11.97
C SER A 77 -9.76 1.84 11.83
N THR A 78 -11.06 2.12 11.91
CA THR A 78 -11.56 3.47 11.69
C THR A 78 -12.62 3.81 12.73
N ALA A 79 -12.51 4.99 13.34
CA ALA A 79 -13.53 5.53 14.21
C ALA A 79 -14.26 6.65 13.50
N TYR A 80 -15.49 6.91 13.91
CA TYR A 80 -16.36 7.86 13.24
C TYR A 80 -16.94 8.87 14.23
N LEU A 81 -17.29 10.03 13.69
CA LEU A 81 -18.02 11.07 14.43
C LEU A 81 -19.15 11.55 13.53
N GLN A 82 -20.38 11.23 13.90
CA GLN A 82 -21.52 11.37 13.02
C GLN A 82 -22.52 12.39 13.54
N TRP A 83 -23.01 13.23 12.63
CA TRP A 83 -24.12 14.13 12.88
C TRP A 83 -25.37 13.64 12.15
N SER A 84 -26.53 14.09 12.63
CA SER A 84 -27.80 13.85 11.96
C SER A 84 -28.36 15.09 11.29
N SER A 85 -28.32 16.24 11.96
CA SER A 85 -28.67 17.51 11.36
C SER A 85 -27.67 18.55 11.86
N LEU A 86 -26.90 19.12 10.94
CA LEU A 86 -25.86 20.06 11.30
C LEU A 86 -26.45 21.45 11.51
N LYS A 87 -26.11 22.06 12.65
CA LYS A 87 -26.45 23.45 12.92
C LYS A 87 -25.27 24.34 12.57
N ALA A 88 -25.55 25.64 12.40
CA ALA A 88 -24.48 26.58 12.10
C ALA A 88 -23.51 26.74 13.26
N SER A 89 -23.89 26.34 14.47
CA SER A 89 -23.00 26.38 15.63
C SER A 89 -21.96 25.27 15.59
N ASP A 90 -22.02 24.37 14.62
CA ASP A 90 -21.13 23.22 14.56
C ASP A 90 -19.82 23.50 13.82
N THR A 91 -19.67 24.69 13.22
CA THR A 91 -18.43 25.04 12.56
C THR A 91 -17.28 25.03 13.56
N ALA A 92 -16.36 24.09 13.42
CA ALA A 92 -15.24 23.94 14.35
C ALA A 92 -14.17 23.07 13.70
N MET A 93 -13.20 22.68 14.52
CA MET A 93 -12.14 21.75 14.13
C MET A 93 -12.26 20.52 15.02
N TYR A 94 -12.29 19.34 14.41
CA TYR A 94 -12.57 18.09 15.11
C TYR A 94 -11.37 17.16 15.02
N TYR A 95 -10.67 17.02 16.13
CA TYR A 95 -9.54 16.11 16.25
C TYR A 95 -10.01 14.77 16.83
N CYS A 96 -9.35 13.70 16.40
CA CYS A 96 -9.43 12.43 17.08
C CYS A 96 -8.08 12.15 17.74
N ALA A 97 -8.13 11.65 18.97
CA ALA A 97 -6.93 11.36 19.74
C ALA A 97 -7.04 9.98 20.37
N ARG A 98 -5.89 9.33 20.50
CA ARG A 98 -5.84 7.98 21.06
C ARG A 98 -5.66 8.06 22.57
N GLY A 99 -6.62 7.52 23.31
CA GLY A 99 -6.52 7.45 24.76
C GLY A 99 -7.72 8.03 25.47
N TYR A 100 -7.95 7.55 26.70
CA TYR A 100 -9.02 8.05 27.54
C TYR A 100 -8.61 9.29 28.34
N GLY A 101 -7.37 9.30 28.84
CA GLY A 101 -6.87 10.41 29.61
C GLY A 101 -5.69 11.09 28.94
N ILE A 102 -4.63 10.33 28.69
CA ILE A 102 -3.46 10.84 27.98
C ILE A 102 -3.69 10.65 26.49
N PHE A 103 -3.66 11.75 25.75
CA PHE A 103 -3.87 11.73 24.31
C PHE A 103 -2.49 11.80 23.65
N ASP A 104 -1.91 10.63 23.39
CA ASP A 104 -0.53 10.55 22.92
C ASP A 104 -0.40 10.63 21.40
N TYR A 105 -1.51 10.51 20.67
CA TYR A 105 -1.50 10.67 19.23
C TYR A 105 -2.70 11.51 18.81
N TRP A 106 -2.48 12.41 17.85
CA TRP A 106 -3.53 13.31 17.38
C TRP A 106 -3.57 13.30 15.85
N GLY A 107 -4.77 13.13 15.30
CA GLY A 107 -4.96 13.33 13.87
C GLY A 107 -4.83 14.78 13.48
N GLN A 108 -4.78 15.02 12.17
CA GLN A 108 -4.49 16.35 11.65
C GLN A 108 -5.74 17.22 11.76
N GLY A 109 -6.81 16.60 12.24
CA GLY A 109 -8.06 17.26 12.50
C GLY A 109 -8.86 17.47 11.24
N THR A 110 -10.19 17.36 11.35
CA THR A 110 -11.11 17.55 10.25
C THR A 110 -11.85 18.86 10.45
N LEU A 111 -11.75 19.75 9.46
CA LEU A 111 -12.44 21.03 9.53
C LEU A 111 -13.81 20.91 8.87
N VAL A 112 -14.85 21.32 9.60
CA VAL A 112 -16.20 21.38 9.05
C VAL A 112 -16.60 22.85 9.01
N THR A 113 -17.41 23.20 8.01
CA THR A 113 -17.82 24.58 7.80
C THR A 113 -19.25 24.56 7.27
N VAL A 114 -20.21 24.80 8.15
CA VAL A 114 -21.63 24.73 7.80
C VAL A 114 -22.12 26.15 7.50
N SER A 115 -22.67 26.34 6.30
CA SER A 115 -23.20 27.63 5.87
C SER A 115 -24.01 27.41 4.61
N SER A 116 -24.88 28.38 4.31
CA SER A 116 -25.67 28.38 3.08
C SER A 116 -24.76 28.83 1.94
N ALA A 117 -24.25 27.87 1.17
CA ALA A 117 -23.24 28.11 0.15
C ALA A 117 -23.74 28.90 -1.06
N SER A 118 -24.93 29.51 -1.05
CA SER A 118 -25.36 30.37 -2.14
C SER A 118 -24.48 31.61 -2.16
N THR A 119 -23.55 31.67 -3.12
CA THR A 119 -22.57 32.74 -3.14
C THR A 119 -23.25 34.08 -3.41
N LYS A 120 -22.96 35.05 -2.55
CA LYS A 120 -23.54 36.38 -2.64
C LYS A 120 -22.44 37.43 -2.77
N GLY A 121 -22.75 38.51 -3.48
CA GLY A 121 -21.84 39.63 -3.62
C GLY A 121 -21.92 40.56 -2.44
N PRO A 122 -20.79 41.17 -2.07
CA PRO A 122 -20.76 42.01 -0.87
C PRO A 122 -21.24 43.42 -1.14
N SER A 123 -21.83 44.01 -0.11
CA SER A 123 -22.21 45.42 -0.10
C SER A 123 -21.18 46.20 0.70
N VAL A 124 -20.74 47.33 0.14
CA VAL A 124 -19.67 48.13 0.74
C VAL A 124 -20.29 49.37 1.35
N PHE A 125 -20.05 49.59 2.64
CA PHE A 125 -20.55 50.75 3.36
C PHE A 125 -19.39 51.52 3.98
N PRO A 126 -19.41 52.84 3.93
CA PRO A 126 -18.29 53.62 4.48
C PRO A 126 -18.43 53.86 5.97
N LEU A 127 -17.30 54.17 6.59
CA LEU A 127 -17.23 54.53 8.01
C LEU A 127 -16.58 55.92 8.10
N ALA A 128 -17.41 56.94 8.29
CA ALA A 128 -16.89 58.29 8.38
C ALA A 128 -16.06 58.47 9.64
N PRO A 129 -14.90 59.13 9.55
CA PRO A 129 -14.01 59.38 10.71
C PRO A 129 -14.68 60.24 11.78
N THR A 138 -4.58 62.10 14.57
CA THR A 138 -4.75 60.89 13.79
C THR A 138 -6.15 60.30 13.98
N ALA A 139 -6.96 60.35 12.92
CA ALA A 139 -8.31 59.82 12.94
C ALA A 139 -8.34 58.47 12.22
N ALA A 140 -9.52 57.85 12.18
CA ALA A 140 -9.70 56.52 11.63
C ALA A 140 -10.74 56.57 10.52
N LEU A 141 -10.31 56.34 9.28
CA LEU A 141 -11.21 56.17 8.15
C LEU A 141 -11.32 54.68 7.84
N GLY A 142 -12.56 54.20 7.71
CA GLY A 142 -12.80 52.77 7.60
C GLY A 142 -13.65 52.43 6.38
N CYS A 143 -13.61 51.14 6.03
CA CYS A 143 -14.36 50.60 4.91
C CYS A 143 -14.97 49.28 5.34
N LEU A 144 -16.28 49.13 5.18
CA LEU A 144 -17.01 47.96 5.66
C LEU A 144 -17.58 47.18 4.47
N VAL A 145 -17.18 45.93 4.34
CA VAL A 145 -17.76 45.00 3.38
C VAL A 145 -18.43 43.88 4.17
N LYS A 146 -19.69 43.60 3.83
CA LYS A 146 -20.49 42.68 4.62
C LYS A 146 -21.27 41.74 3.71
N ASP A 147 -21.59 40.56 4.26
CA ASP A 147 -22.48 39.59 3.64
C ASP A 147 -21.99 39.18 2.26
N TYR A 148 -20.98 38.33 2.20
CA TYR A 148 -20.48 37.78 0.95
C TYR A 148 -20.13 36.31 1.15
N PHE A 149 -19.88 35.63 0.04
CA PHE A 149 -19.57 34.20 0.04
C PHE A 149 -18.99 33.79 -1.31
N PRO A 150 -17.88 33.04 -1.33
CA PRO A 150 -17.08 32.68 -0.17
C PRO A 150 -15.82 33.55 -0.02
N GLU A 151 -14.85 33.05 0.73
CA GLU A 151 -13.58 33.74 0.90
C GLU A 151 -12.70 33.56 -0.34
N PRO A 152 -11.73 34.46 -0.55
CA PRO A 152 -11.40 35.65 0.24
C PRO A 152 -11.79 36.98 -0.42
N VAL A 153 -11.51 38.07 0.26
CA VAL A 153 -11.76 39.42 -0.24
C VAL A 153 -10.57 40.29 0.14
N THR A 154 -10.06 41.06 -0.83
CA THR A 154 -8.94 41.97 -0.61
C THR A 154 -9.41 43.40 -0.79
N VAL A 155 -8.89 44.29 0.05
CA VAL A 155 -9.26 45.71 0.04
C VAL A 155 -7.99 46.53 -0.11
N SER A 156 -7.93 47.33 -1.16
CA SER A 156 -6.82 48.26 -1.39
C SER A 156 -7.34 49.69 -1.22
N TRP A 157 -6.52 50.54 -0.60
CA TRP A 157 -6.90 51.92 -0.33
C TRP A 157 -6.24 52.84 -1.35
N ASN A 158 -7.07 53.65 -2.03
CA ASN A 158 -6.62 54.58 -3.07
C ASN A 158 -5.82 53.86 -4.15
N SER A 159 -6.37 52.72 -4.60
CA SER A 159 -5.76 51.92 -5.67
C SER A 159 -4.37 51.42 -5.28
N GLY A 160 -4.29 50.77 -4.12
CA GLY A 160 -3.03 50.22 -3.65
C GLY A 160 -1.98 51.25 -3.33
N ALA A 161 -2.40 52.46 -2.95
CA ALA A 161 -1.47 53.54 -2.67
C ALA A 161 -1.16 53.64 -1.18
N LEU A 162 -2.16 54.01 -0.38
CA LEU A 162 -1.98 54.16 1.06
C LEU A 162 -1.69 52.80 1.68
N THR A 163 -0.41 52.52 1.94
CA THR A 163 0.01 51.26 2.53
C THR A 163 0.51 51.42 3.96
N SER A 164 0.77 52.64 4.42
CA SER A 164 1.31 52.87 5.75
C SER A 164 0.16 53.00 6.75
N GLY A 165 0.18 52.16 7.79
CA GLY A 165 -0.81 52.24 8.84
C GLY A 165 -2.19 51.77 8.46
N VAL A 166 -2.32 50.94 7.44
CA VAL A 166 -3.61 50.40 7.01
C VAL A 166 -3.71 48.95 7.50
N HIS A 167 -4.90 48.58 7.96
CA HIS A 167 -5.14 47.23 8.45
C HIS A 167 -6.44 46.69 7.88
N THR A 168 -6.42 45.41 7.51
CA THR A 168 -7.59 44.69 7.03
C THR A 168 -7.85 43.52 7.98
N PHE A 169 -9.03 43.50 8.58
CA PHE A 169 -9.32 42.51 9.61
C PHE A 169 -9.74 41.18 8.99
N PRO A 170 -9.50 40.07 9.70
CA PRO A 170 -9.98 38.78 9.22
C PRO A 170 -11.50 38.74 9.17
N ALA A 171 -12.01 37.91 8.26
CA ALA A 171 -13.46 37.79 8.10
C ALA A 171 -14.09 37.15 9.33
N VAL A 172 -15.41 37.27 9.42
CA VAL A 172 -16.17 36.69 10.52
C VAL A 172 -17.48 36.16 9.95
N LEU A 173 -17.98 35.08 10.54
CA LEU A 173 -19.21 34.44 10.08
C LEU A 173 -20.37 34.97 10.91
N GLN A 174 -21.25 35.74 10.26
CA GLN A 174 -22.46 36.21 10.92
C GLN A 174 -23.42 35.05 11.14
N SER A 175 -24.53 35.35 11.83
CA SER A 175 -25.55 34.34 12.07
C SER A 175 -26.23 33.88 10.78
N SER A 176 -26.17 34.71 9.73
CA SER A 176 -26.76 34.35 8.45
C SER A 176 -25.92 33.37 7.65
N GLY A 177 -24.67 33.15 8.03
CA GLY A 177 -23.77 32.31 7.25
C GLY A 177 -22.97 33.05 6.20
N LEU A 178 -23.10 34.38 6.13
CA LEU A 178 -22.34 35.21 5.20
C LEU A 178 -21.25 35.96 5.94
N TYR A 179 -20.14 36.17 5.25
CA TYR A 179 -18.93 36.73 5.85
C TYR A 179 -19.01 38.26 5.90
N SER A 180 -18.06 38.84 6.62
CA SER A 180 -17.96 40.29 6.76
C SER A 180 -16.58 40.63 7.30
N LEU A 181 -16.03 41.75 6.82
CA LEU A 181 -14.76 42.25 7.33
C LEU A 181 -14.74 43.77 7.15
N SER A 182 -13.82 44.41 7.85
CA SER A 182 -13.61 45.85 7.75
C SER A 182 -12.13 46.13 7.53
N SER A 183 -11.86 47.17 6.74
CA SER A 183 -10.51 47.66 6.53
C SER A 183 -10.42 49.09 7.04
N VAL A 184 -9.36 49.39 7.77
CA VAL A 184 -9.20 50.71 8.40
C VAL A 184 -7.78 51.19 8.21
N VAL A 185 -7.62 52.50 8.15
CA VAL A 185 -6.32 53.15 8.02
C VAL A 185 -6.30 54.37 8.94
N THR A 186 -5.16 54.60 9.58
CA THR A 186 -5.02 55.71 10.54
C THR A 186 -4.38 56.90 9.83
N VAL A 187 -5.21 57.57 9.04
CA VAL A 187 -4.76 58.80 8.35
C VAL A 187 -4.64 59.93 9.36
N PRO A 188 -3.65 60.80 9.24
CA PRO A 188 -3.51 61.91 10.19
C PRO A 188 -4.74 62.81 10.16
N SER A 189 -5.13 63.30 11.35
CA SER A 189 -6.33 64.13 11.46
C SER A 189 -6.21 65.43 10.66
N SER A 190 -4.98 65.93 10.48
CA SER A 190 -4.78 67.17 9.73
C SER A 190 -5.28 67.02 8.31
N SER A 191 -4.81 66.00 7.59
CA SER A 191 -5.27 65.74 6.23
C SER A 191 -6.68 65.18 6.27
N LEU A 192 -7.64 65.95 5.74
CA LEU A 192 -9.03 65.51 5.71
C LEU A 192 -9.68 65.92 4.39
N GLY A 193 -10.02 67.19 4.26
CA GLY A 193 -10.59 67.68 3.01
C GLY A 193 -9.60 67.82 1.88
N THR A 194 -8.30 67.77 2.19
CA THR A 194 -7.29 67.93 1.14
C THR A 194 -7.24 66.73 0.21
N GLN A 195 -7.44 65.53 0.76
CA GLN A 195 -7.37 64.30 -0.02
C GLN A 195 -8.55 63.41 0.34
N THR A 196 -9.29 63.00 -0.69
CA THR A 196 -10.42 62.08 -0.51
C THR A 196 -9.91 60.65 -0.44
N TYR A 197 -10.23 59.95 0.64
CA TYR A 197 -9.83 58.56 0.82
C TYR A 197 -10.91 57.63 0.27
N ILE A 198 -10.48 56.59 -0.43
CA ILE A 198 -11.39 55.65 -1.07
C ILE A 198 -10.79 54.25 -0.99
N CYS A 199 -11.63 53.28 -0.67
CA CYS A 199 -11.21 51.88 -0.64
C CYS A 199 -11.51 51.21 -1.98
N ASN A 200 -11.00 49.99 -2.13
CA ASN A 200 -11.18 49.21 -3.36
C ASN A 200 -11.33 47.75 -2.97
N VAL A 201 -12.57 47.27 -2.89
CA VAL A 201 -12.87 45.90 -2.52
C VAL A 201 -13.12 45.09 -3.78
N ASN A 202 -12.57 43.87 -3.84
CA ASN A 202 -12.69 42.99 -4.99
C ASN A 202 -13.10 41.61 -4.50
N HIS A 203 -14.31 41.18 -4.85
CA HIS A 203 -14.83 39.86 -4.51
C HIS A 203 -14.61 38.97 -5.72
N LYS A 204 -13.61 38.08 -5.63
CA LYS A 204 -13.21 37.30 -6.81
C LYS A 204 -14.27 36.31 -7.26
N PRO A 205 -14.89 35.49 -6.40
CA PRO A 205 -15.88 34.52 -6.90
C PRO A 205 -17.06 35.17 -7.62
N SER A 206 -17.69 36.16 -7.01
CA SER A 206 -18.79 36.87 -7.65
C SER A 206 -18.31 37.89 -8.68
N ASN A 207 -17.01 37.92 -8.98
CA ASN A 207 -16.43 38.85 -9.95
C ASN A 207 -16.77 40.31 -9.62
N THR A 208 -16.94 40.60 -8.32
CA THR A 208 -17.38 41.91 -7.88
C THR A 208 -16.18 42.78 -7.55
N LYS A 209 -16.17 44.00 -8.07
CA LYS A 209 -15.12 44.98 -7.79
C LYS A 209 -15.78 46.35 -7.74
N VAL A 210 -15.82 46.94 -6.55
CA VAL A 210 -16.53 48.20 -6.32
C VAL A 210 -15.72 49.06 -5.36
N ASP A 211 -15.56 50.34 -5.69
CA ASP A 211 -14.90 51.31 -4.85
C ASP A 211 -15.90 52.34 -4.34
N LYS A 212 -15.63 52.87 -3.15
CA LYS A 212 -16.42 53.95 -2.57
C LYS A 212 -15.54 54.75 -1.64
N LYS A 213 -15.65 56.07 -1.71
CA LYS A 213 -14.82 56.98 -0.93
C LYS A 213 -15.44 57.26 0.43
N VAL A 214 -14.60 57.34 1.45
CA VAL A 214 -15.03 57.64 2.82
C VAL A 214 -14.80 59.12 3.07
N GLU A 215 -15.88 59.85 3.34
CA GLU A 215 -15.82 61.28 3.62
C GLU A 215 -16.55 61.57 4.92
N PRO A 216 -16.20 62.67 5.60
CA PRO A 216 -16.90 63.03 6.84
C PRO A 216 -18.36 63.38 6.60
N LYS A 217 -19.09 63.57 7.69
CA LYS A 217 -20.50 63.93 7.61
C LYS A 217 -20.93 64.76 8.83
N SER B 1 -18.86 17.96 32.30
CA SER B 1 -19.21 17.79 33.71
C SER B 1 -18.22 18.52 34.60
N TYR B 2 -17.12 17.84 34.93
CA TYR B 2 -16.05 18.43 35.72
C TYR B 2 -15.52 19.69 35.03
N GLU B 3 -15.07 20.65 35.84
CA GLU B 3 -14.60 21.94 35.35
C GLU B 3 -13.20 22.20 35.83
N LEU B 4 -12.33 22.64 34.92
CA LEU B 4 -10.95 22.99 35.23
C LEU B 4 -10.71 24.43 34.81
N THR B 5 -10.30 25.26 35.77
CA THR B 5 -10.14 26.69 35.55
C THR B 5 -8.65 27.03 35.39
N GLN B 6 -8.31 27.67 34.27
CA GLN B 6 -6.99 28.24 34.08
C GLN B 6 -7.14 29.67 33.57
N PRO B 7 -6.27 30.59 34.00
CA PRO B 7 -6.38 31.98 33.56
C PRO B 7 -6.22 32.09 32.06
N PRO B 8 -7.00 32.95 31.41
CA PRO B 8 -6.94 33.02 29.94
C PRO B 8 -5.61 33.56 29.41
N SER B 9 -4.90 34.38 30.18
CA SER B 9 -3.67 34.99 29.69
C SER B 9 -2.66 35.11 30.82
N VAL B 10 -1.46 34.60 30.59
CA VAL B 10 -0.33 34.74 31.50
C VAL B 10 0.86 35.28 30.70
N SER B 11 1.47 36.35 31.20
CA SER B 11 2.65 36.91 30.59
C SER B 11 3.89 36.57 31.40
N VAL B 12 5.04 36.60 30.72
CA VAL B 12 6.31 36.31 31.37
C VAL B 12 7.39 37.01 30.58
N SER B 13 8.51 37.32 31.25
CA SER B 13 9.64 38.00 30.62
C SER B 13 10.69 36.99 30.16
N PRO B 14 11.42 37.32 29.10
CA PRO B 14 12.46 36.42 28.60
C PRO B 14 13.45 35.97 29.66
N GLY B 15 13.50 34.66 29.92
CA GLY B 15 14.42 34.10 30.89
C GLY B 15 13.81 33.83 32.25
N GLN B 16 12.72 34.51 32.60
CA GLN B 16 12.07 34.30 33.89
C GLN B 16 11.00 33.22 33.76
N THR B 17 10.74 32.54 34.87
CA THR B 17 9.86 31.38 34.86
C THR B 17 8.40 31.81 34.83
N ALA B 18 7.59 31.04 34.09
CA ALA B 18 6.16 31.25 34.01
C ALA B 18 5.44 30.12 34.71
N SER B 19 4.40 30.46 35.47
CA SER B 19 3.56 29.48 36.14
C SER B 19 2.13 29.61 35.61
N ILE B 20 1.53 28.48 35.28
CA ILE B 20 0.17 28.44 34.74
C ILE B 20 -0.64 27.46 35.57
N THR B 21 -1.67 27.96 36.25
CA THR B 21 -2.45 27.16 37.17
C THR B 21 -3.65 26.51 36.48
N CYS B 22 -4.05 25.36 37.02
CA CYS B 22 -5.20 24.58 36.52
C CYS B 22 -5.99 24.16 37.76
N SER B 23 -7.05 24.89 38.07
CA SER B 23 -7.75 24.76 39.34
C SER B 23 -9.08 24.03 39.15
N GLY B 24 -9.28 22.96 39.93
CA GLY B 24 -10.53 22.25 39.93
C GLY B 24 -10.71 21.58 41.29
N ASP B 25 -11.97 21.27 41.61
CA ASP B 25 -12.27 20.67 42.90
C ASP B 25 -11.61 19.30 43.03
N ASN B 26 -10.61 19.19 43.91
CA ASN B 26 -9.88 17.94 44.16
C ASN B 26 -9.17 17.43 42.91
N ILE B 27 -8.67 18.34 42.08
CA ILE B 27 -7.85 17.93 40.94
C ILE B 27 -6.60 17.20 41.41
N GLY B 28 -6.11 17.54 42.61
CA GLY B 28 -4.99 16.84 43.21
C GLY B 28 -5.22 15.36 43.46
N ASP B 29 -6.47 14.91 43.37
CA ASP B 29 -6.77 13.49 43.40
C ASP B 29 -6.67 12.82 42.04
N GLN B 30 -6.45 13.60 40.98
CA GLN B 30 -6.36 13.08 39.63
C GLN B 30 -4.99 13.36 39.04
N TYR B 31 -4.68 12.66 37.96
CA TYR B 31 -3.50 12.96 37.16
C TYR B 31 -3.80 14.14 36.24
N ALA B 32 -2.88 15.09 36.19
CA ALA B 32 -3.02 16.27 35.35
C ALA B 32 -2.05 16.18 34.18
N HIS B 33 -2.55 16.49 32.99
CA HIS B 33 -1.76 16.47 31.77
C HIS B 33 -1.86 17.83 31.09
N TRP B 34 -0.73 18.33 30.62
CA TRP B 34 -0.66 19.64 29.97
C TRP B 34 -0.35 19.46 28.49
N TYR B 35 -1.10 20.15 27.64
CA TYR B 35 -0.95 20.08 26.20
C TYR B 35 -0.60 21.47 25.67
N GLN B 36 0.40 21.52 24.80
CA GLN B 36 0.79 22.75 24.13
C GLN B 36 0.28 22.73 22.70
N GLN B 37 -0.23 23.86 22.24
CA GLN B 37 -0.77 23.98 20.89
C GLN B 37 -0.39 25.33 20.31
N LYS B 38 0.11 25.32 19.08
CA LYS B 38 0.54 26.50 18.35
C LYS B 38 -0.34 26.68 17.12
N PRO B 39 -0.38 27.89 16.55
CA PRO B 39 -1.31 28.16 15.44
C PRO B 39 -1.19 27.16 14.30
N GLY B 40 -2.33 26.60 13.89
CA GLY B 40 -2.39 25.68 12.78
C GLY B 40 -1.79 24.32 13.03
N GLN B 41 -1.73 23.88 14.28
CA GLN B 41 -1.00 22.67 14.66
C GLN B 41 -1.77 21.91 15.72
N SER B 42 -1.73 20.58 15.64
CA SER B 42 -2.40 19.75 16.62
C SER B 42 -1.77 19.94 18.00
N PRO B 43 -2.53 19.70 19.07
CA PRO B 43 -1.95 19.82 20.41
C PRO B 43 -0.89 18.76 20.66
N VAL B 44 0.19 19.16 21.31
CA VAL B 44 1.27 18.24 21.67
C VAL B 44 1.45 18.30 23.19
N LEU B 45 1.52 17.13 23.81
CA LEU B 45 1.61 17.05 25.26
C LEU B 45 3.02 17.44 25.72
N VAL B 46 3.10 18.15 26.85
CA VAL B 46 4.38 18.60 27.37
C VAL B 46 4.63 17.99 28.75
N ILE B 47 3.58 17.77 29.52
CA ILE B 47 3.67 17.14 30.84
C ILE B 47 2.49 16.20 31.00
N TYR B 48 2.77 14.97 31.43
CA TYR B 48 1.75 13.97 31.70
C TYR B 48 1.93 13.43 33.12
N GLN B 49 0.81 13.01 33.71
CA GLN B 49 0.78 12.47 35.07
C GLN B 49 1.44 13.43 36.05
N ASP B 50 0.86 14.64 36.14
CA ASP B 50 1.26 15.67 37.09
C ASP B 50 2.66 16.22 36.83
N LYS B 51 3.67 15.38 36.99
CA LYS B 51 5.05 15.83 37.02
C LYS B 51 5.94 15.27 35.91
N ASN B 52 5.56 14.17 35.28
CA ASN B 52 6.45 13.48 34.36
C ASN B 52 6.57 14.22 33.04
N ARG B 53 7.74 14.13 32.43
CA ARG B 53 8.06 14.79 31.18
C ARG B 53 8.33 13.76 30.09
N PRO B 54 7.72 13.90 28.92
CA PRO B 54 8.01 12.96 27.83
C PRO B 54 9.38 13.25 27.21
N SER B 55 9.91 12.23 26.54
CA SER B 55 11.17 12.41 25.82
C SER B 55 11.00 13.39 24.68
N GLY B 56 11.95 14.31 24.54
CA GLY B 56 11.89 15.34 23.53
C GLY B 56 11.36 16.68 24.01
N ILE B 57 10.87 16.76 25.24
CA ILE B 57 10.37 18.00 25.82
C ILE B 57 11.49 18.62 26.65
N PRO B 58 11.79 19.91 26.46
CA PRO B 58 12.88 20.53 27.24
C PRO B 58 12.65 20.42 28.74
N GLU B 59 13.77 20.28 29.47
CA GLU B 59 13.73 20.09 30.92
C GLU B 59 13.24 21.33 31.67
N ARG B 60 13.09 22.47 30.99
CA ARG B 60 12.56 23.66 31.65
C ARG B 60 11.08 23.52 31.96
N PHE B 61 10.37 22.66 31.25
CA PHE B 61 8.96 22.40 31.54
C PHE B 61 8.82 21.58 32.82
N SER B 62 7.99 22.06 33.73
CA SER B 62 7.81 21.43 35.03
C SER B 62 6.32 21.41 35.37
N GLY B 63 5.94 20.48 36.24
CA GLY B 63 4.54 20.29 36.58
C GLY B 63 4.40 19.77 37.98
N SER B 64 3.34 20.21 38.65
CA SER B 64 2.99 19.72 39.97
C SER B 64 1.47 19.73 40.10
N ASN B 65 0.96 18.97 41.07
CA ASN B 65 -0.48 18.84 41.25
C ASN B 65 -0.76 18.43 42.69
N SER B 66 -1.45 19.28 43.43
CA SER B 66 -1.85 18.96 44.80
C SER B 66 -3.05 19.82 45.17
N GLY B 67 -3.90 19.29 46.04
CA GLY B 67 -5.04 20.05 46.49
C GLY B 67 -6.01 20.31 45.37
N ASN B 68 -6.38 21.58 45.19
CA ASN B 68 -7.34 22.00 44.18
C ASN B 68 -6.67 22.76 43.04
N THR B 69 -5.40 22.51 42.80
CA THR B 69 -4.68 23.22 41.76
C THR B 69 -3.55 22.36 41.19
N ALA B 70 -3.54 22.20 39.88
CA ALA B 70 -2.40 21.69 39.15
C ALA B 70 -1.77 22.85 38.38
N THR B 71 -0.45 22.90 38.33
CA THR B 71 0.22 24.06 37.75
C THR B 71 1.36 23.63 36.86
N LEU B 72 1.51 24.33 35.73
CA LEU B 72 2.59 24.10 34.78
C LEU B 72 3.63 25.20 34.92
N THR B 73 4.88 24.81 35.12
CA THR B 73 5.97 25.75 35.35
C THR B 73 7.00 25.61 34.24
N ILE B 74 7.47 26.75 33.74
CA ILE B 74 8.41 26.80 32.61
C ILE B 74 9.55 27.74 33.01
N SER B 75 10.67 27.17 33.46
CA SER B 75 11.82 27.99 33.78
C SER B 75 12.51 28.47 32.51
N GLY B 76 13.18 29.63 32.63
CA GLY B 76 13.89 30.22 31.51
C GLY B 76 13.09 30.29 30.23
N THR B 77 11.87 30.83 30.33
CA THR B 77 10.94 30.83 29.21
C THR B 77 11.53 31.54 28.00
N GLN B 78 11.54 30.84 26.87
CA GLN B 78 12.07 31.37 25.62
C GLN B 78 10.93 31.61 24.63
N ALA B 79 11.24 32.37 23.58
CA ALA B 79 10.20 32.83 22.66
C ALA B 79 9.47 31.67 21.99
N MET B 80 10.11 30.52 21.86
CA MET B 80 9.47 29.37 21.24
C MET B 80 8.36 28.78 22.10
N ASP B 81 8.26 29.18 23.36
CA ASP B 81 7.25 28.65 24.28
C ASP B 81 5.95 29.44 24.24
N GLU B 82 5.90 30.55 23.51
CA GLU B 82 4.67 31.33 23.39
C GLU B 82 3.64 30.53 22.61
N ALA B 83 2.64 29.99 23.32
CA ALA B 83 1.60 29.18 22.70
C ALA B 83 0.46 29.02 23.70
N ASP B 84 -0.61 28.37 23.25
CA ASP B 84 -1.72 28.04 24.13
C ASP B 84 -1.40 26.76 24.90
N TYR B 85 -1.73 26.76 26.18
CA TYR B 85 -1.50 25.61 27.05
C TYR B 85 -2.82 25.18 27.67
N TYR B 86 -3.13 23.89 27.55
CA TYR B 86 -4.36 23.31 28.06
C TYR B 86 -4.02 22.23 29.07
N CYS B 87 -4.57 22.34 30.27
CA CYS B 87 -4.52 21.25 31.22
C CYS B 87 -5.70 20.30 30.96
N ALA B 88 -5.51 19.05 31.34
CA ALA B 88 -6.52 18.03 31.14
C ALA B 88 -6.46 17.03 32.27
N THR B 89 -7.60 16.38 32.52
CA THR B 89 -7.66 15.33 33.51
C THR B 89 -8.74 14.33 33.12
N TYR B 90 -8.59 13.11 33.63
CA TYR B 90 -9.59 12.06 33.48
C TYR B 90 -9.97 11.59 34.88
N THR B 91 -11.26 11.66 35.21
CA THR B 91 -11.78 11.16 36.46
C THR B 91 -12.66 9.94 36.19
N GLY B 92 -12.47 8.89 36.99
CA GLY B 92 -13.28 7.69 36.82
C GLY B 92 -14.74 7.93 37.10
N PHE B 93 -15.04 8.81 38.05
CA PHE B 93 -16.41 9.23 38.33
C PHE B 93 -17.02 9.84 37.07
N GLY B 94 -17.94 9.10 36.44
CA GLY B 94 -18.47 9.50 35.15
C GLY B 94 -17.62 9.09 33.97
N SER B 95 -16.36 8.76 34.20
CA SER B 95 -15.45 8.29 33.15
C SER B 95 -15.40 9.25 31.97
N LEU B 96 -15.07 10.51 32.27
CA LEU B 96 -14.97 11.52 31.24
C LEU B 96 -13.67 12.30 31.39
N ALA B 97 -13.19 12.85 30.28
CA ALA B 97 -12.04 13.72 30.28
C ALA B 97 -12.49 15.16 30.05
N VAL B 98 -11.79 16.10 30.67
CA VAL B 98 -12.14 17.50 30.61
C VAL B 98 -10.89 18.33 30.40
N PHE B 99 -10.97 19.29 29.48
CA PHE B 99 -9.90 20.23 29.23
C PHE B 99 -10.14 21.53 29.99
N GLY B 100 -9.05 22.15 30.43
CA GLY B 100 -9.13 23.50 30.96
C GLY B 100 -9.44 24.50 29.87
N GLY B 101 -9.83 25.69 30.31
CA GLY B 101 -10.21 26.75 29.39
C GLY B 101 -9.11 27.20 28.46
N GLY B 102 -7.86 26.91 28.78
CA GLY B 102 -6.76 27.32 27.93
C GLY B 102 -6.09 28.61 28.39
N THR B 103 -4.75 28.61 28.36
CA THR B 103 -3.97 29.78 28.76
C THR B 103 -3.00 30.13 27.65
N LYS B 104 -3.07 31.37 27.18
CA LYS B 104 -2.16 31.88 26.16
C LYS B 104 -0.95 32.48 26.86
N LEU B 105 0.16 31.75 26.87
CA LEU B 105 1.40 32.25 27.45
C LEU B 105 2.09 33.18 26.45
N THR B 106 2.21 34.45 26.80
CA THR B 106 2.87 35.43 25.96
C THR B 106 4.26 35.72 26.51
N VAL B 107 5.27 35.57 25.67
CA VAL B 107 6.64 35.96 26.01
C VAL B 107 6.83 37.40 25.55
N LEU B 108 7.06 38.29 26.51
CA LEU B 108 7.09 39.72 26.22
C LEU B 108 8.28 40.08 25.34
N GLY B 109 8.02 40.74 24.22
CA GLY B 109 9.06 41.23 23.35
C GLY B 109 8.94 42.73 23.15
N GLN B 110 7.83 43.29 23.63
CA GLN B 110 7.55 44.72 23.57
C GLN B 110 6.78 45.11 24.83
N PRO B 111 6.68 46.40 25.16
CA PRO B 111 5.90 46.78 26.34
C PRO B 111 4.41 46.54 26.13
N LYS B 112 3.71 46.30 27.23
CA LYS B 112 2.26 46.11 27.17
C LYS B 112 1.58 47.41 26.72
N ALA B 113 0.66 47.28 25.77
CA ALA B 113 0.00 48.43 25.17
C ALA B 113 -1.51 48.32 25.37
N ALA B 114 -2.11 49.40 25.88
CA ALA B 114 -3.55 49.42 26.04
C ALA B 114 -4.25 49.58 24.69
N PRO B 115 -5.43 48.98 24.51
CA PRO B 115 -6.08 49.01 23.20
C PRO B 115 -6.75 50.35 22.91
N SER B 116 -6.60 50.80 21.68
CA SER B 116 -7.30 51.97 21.17
C SER B 116 -8.56 51.51 20.45
N VAL B 117 -9.72 51.88 20.98
CA VAL B 117 -11.00 51.40 20.50
C VAL B 117 -11.69 52.50 19.70
N THR B 118 -12.26 52.13 18.56
CA THR B 118 -12.99 53.04 17.70
C THR B 118 -14.33 52.42 17.34
N LEU B 119 -15.41 53.17 17.54
CA LEU B 119 -16.77 52.71 17.25
C LEU B 119 -17.34 53.56 16.14
N PHE B 120 -17.80 52.91 15.07
CA PHE B 120 -18.40 53.60 13.94
C PHE B 120 -19.90 53.35 13.92
N PRO B 121 -20.74 54.37 13.99
CA PRO B 121 -22.17 54.19 13.73
C PRO B 121 -22.39 53.79 12.29
N PRO B 122 -23.53 53.18 11.97
CA PRO B 122 -23.73 52.69 10.60
C PRO B 122 -23.94 53.84 9.63
N SER B 123 -23.40 53.66 8.42
CA SER B 123 -23.53 54.68 7.39
C SER B 123 -25.00 54.84 6.99
N SER B 124 -25.32 56.01 6.45
CA SER B 124 -26.68 56.27 6.01
C SER B 124 -27.10 55.33 4.90
N GLU B 125 -26.13 54.86 4.10
CA GLU B 125 -26.45 53.91 3.03
C GLU B 125 -26.86 52.56 3.61
N GLU B 126 -26.11 52.08 4.62
CA GLU B 126 -26.54 50.89 5.34
C GLU B 126 -27.88 51.12 6.03
N LEU B 127 -28.05 52.29 6.66
CA LEU B 127 -29.33 52.64 7.26
C LEU B 127 -30.44 52.70 6.21
N GLN B 128 -30.10 53.09 4.98
CA GLN B 128 -31.11 53.12 3.92
C GLN B 128 -31.45 51.72 3.43
N ALA B 129 -30.51 50.77 3.55
CA ALA B 129 -30.71 49.41 3.08
C ALA B 129 -31.38 48.52 4.13
N ASN B 130 -32.04 49.12 5.12
CA ASN B 130 -32.71 48.38 6.19
C ASN B 130 -31.74 47.45 6.92
N LYS B 131 -30.52 47.94 7.14
CA LYS B 131 -29.48 47.16 7.79
C LYS B 131 -28.71 48.05 8.76
N ALA B 132 -28.62 47.63 10.02
CA ALA B 132 -27.91 48.37 11.05
C ALA B 132 -26.79 47.49 11.58
N THR B 133 -25.55 47.90 11.34
CA THR B 133 -24.37 47.12 11.74
C THR B 133 -23.38 48.06 12.42
N LEU B 134 -23.44 48.10 13.75
CA LEU B 134 -22.44 48.81 14.52
C LEU B 134 -21.14 48.01 14.54
N VAL B 135 -20.02 48.69 14.29
CA VAL B 135 -18.72 48.03 14.19
C VAL B 135 -17.76 48.67 15.19
N CYS B 136 -17.06 47.84 15.94
CA CYS B 136 -16.15 48.28 16.99
C CYS B 136 -14.76 47.71 16.69
N LEU B 137 -13.79 48.61 16.48
CA LEU B 137 -12.46 48.23 16.01
C LEU B 137 -11.44 48.47 17.12
N ILE B 138 -10.73 47.42 17.50
CA ILE B 138 -9.73 47.47 18.55
C ILE B 138 -8.35 47.33 17.90
N SER B 139 -7.44 48.24 18.23
CA SER B 139 -6.16 48.30 17.55
C SER B 139 -5.05 48.70 18.51
N ASP B 140 -3.81 48.35 18.12
CA ASP B 140 -2.60 48.82 18.78
C ASP B 140 -2.53 48.39 20.25
N PHE B 141 -2.80 47.11 20.49
CA PHE B 141 -2.70 46.56 21.84
C PHE B 141 -1.81 45.33 21.85
N TYR B 142 -1.33 45.00 23.04
CA TYR B 142 -0.44 43.88 23.30
C TYR B 142 -0.38 43.64 24.80
N PRO B 143 -0.50 42.39 25.28
CA PRO B 143 -0.66 41.13 24.53
C PRO B 143 -1.98 41.01 23.77
N GLY B 144 -2.05 40.05 22.85
CA GLY B 144 -3.23 39.87 22.04
C GLY B 144 -4.30 39.01 22.69
N ALA B 145 -5.07 39.62 23.60
CA ALA B 145 -6.15 38.91 24.27
C ALA B 145 -7.12 39.94 24.82
N VAL B 146 -8.32 40.01 24.21
CA VAL B 146 -9.34 40.96 24.63
C VAL B 146 -10.69 40.26 24.64
N THR B 147 -11.57 40.71 25.53
CA THR B 147 -12.98 40.33 25.54
C THR B 147 -13.80 41.60 25.36
N VAL B 148 -14.78 41.54 24.47
CA VAL B 148 -15.62 42.70 24.18
C VAL B 148 -16.96 42.51 24.86
N ALA B 149 -17.57 43.63 25.26
CA ALA B 149 -18.88 43.65 25.89
C ALA B 149 -19.69 44.75 25.23
N TRP B 150 -20.86 44.39 24.70
CA TRP B 150 -21.72 45.34 24.00
C TRP B 150 -22.81 45.82 24.94
N LYS B 151 -22.92 47.14 25.07
CA LYS B 151 -23.89 47.77 25.95
C LYS B 151 -24.83 48.64 25.13
N ALA B 152 -26.12 48.53 25.41
CA ALA B 152 -27.16 49.35 24.80
C ALA B 152 -27.87 50.09 25.92
N ASP B 153 -27.34 51.27 26.26
CA ASP B 153 -27.84 52.09 27.37
C ASP B 153 -27.79 51.31 28.69
N SER B 154 -26.57 50.93 29.07
CA SER B 154 -26.32 50.18 30.30
C SER B 154 -27.12 48.88 30.33
N SER B 155 -27.07 48.15 29.21
CA SER B 155 -27.78 46.88 29.08
C SER B 155 -27.03 46.00 28.11
N PRO B 156 -26.80 44.74 28.43
CA PRO B 156 -26.02 43.87 27.54
C PRO B 156 -26.86 43.28 26.42
N VAL B 157 -26.19 43.01 25.30
CA VAL B 157 -26.79 42.34 24.15
C VAL B 157 -25.79 41.31 23.63
N LYS B 158 -26.30 40.12 23.31
CA LYS B 158 -25.43 39.03 22.87
C LYS B 158 -25.97 38.22 21.71
N ALA B 159 -27.21 38.45 21.27
CA ALA B 159 -27.78 37.61 20.21
C ALA B 159 -27.15 37.90 18.86
N GLY B 160 -27.00 39.17 18.50
CA GLY B 160 -26.47 39.50 17.19
C GLY B 160 -25.09 40.14 17.20
N VAL B 161 -24.06 39.35 17.50
CA VAL B 161 -22.70 39.87 17.53
C VAL B 161 -21.74 38.74 17.20
N GLU B 162 -20.64 39.10 16.53
CA GLU B 162 -19.54 38.20 16.24
C GLU B 162 -18.27 39.02 16.24
N THR B 163 -17.21 38.49 16.85
CA THR B 163 -15.95 39.23 17.01
C THR B 163 -14.80 38.41 16.46
N THR B 164 -13.78 39.11 15.98
CA THR B 164 -12.62 38.46 15.40
C THR B 164 -11.60 38.09 16.46
N THR B 165 -10.57 37.36 16.04
CA THR B 165 -9.45 36.86 16.83
C THR B 165 -8.25 37.79 16.68
N PRO B 166 -7.56 38.13 17.78
CA PRO B 166 -6.45 39.08 17.69
C PRO B 166 -5.36 38.61 16.73
N SER B 167 -5.00 39.48 15.79
CA SER B 167 -3.98 39.22 14.80
C SER B 167 -2.97 40.37 14.79
N LYS B 168 -1.70 40.02 14.70
CA LYS B 168 -0.65 41.05 14.70
C LYS B 168 -0.72 41.88 13.42
N GLN B 169 -0.48 43.18 13.58
CA GLN B 169 -0.54 44.10 12.45
C GLN B 169 0.89 44.50 12.06
N SER B 170 1.03 45.60 11.32
CA SER B 170 2.33 45.97 10.77
C SER B 170 3.36 46.21 11.86
N ASN B 171 3.03 47.06 12.84
CA ASN B 171 3.94 47.34 13.94
C ASN B 171 3.92 46.25 15.04
N ASN B 172 3.52 45.03 14.71
CA ASN B 172 3.53 43.86 15.59
C ASN B 172 2.55 43.93 16.75
N LYS B 173 1.91 45.08 16.97
CA LYS B 173 0.82 45.13 17.94
C LYS B 173 -0.39 44.39 17.39
N TYR B 174 -1.28 44.00 18.28
CA TYR B 174 -2.42 43.20 17.88
C TYR B 174 -3.64 44.09 17.60
N ALA B 175 -4.62 43.49 16.92
CA ALA B 175 -5.83 44.22 16.55
C ALA B 175 -6.97 43.22 16.39
N ALA B 176 -8.18 43.70 16.66
CA ALA B 176 -9.38 42.88 16.56
C ALA B 176 -10.56 43.77 16.20
N SER B 177 -11.72 43.15 15.97
CA SER B 177 -12.92 43.89 15.61
C SER B 177 -14.14 43.16 16.15
N SER B 178 -15.23 43.91 16.30
CA SER B 178 -16.49 43.38 16.82
C SER B 178 -17.64 43.98 16.02
N TYR B 179 -18.57 43.13 15.58
CA TYR B 179 -19.67 43.53 14.71
C TYR B 179 -20.99 43.24 15.41
N LEU B 180 -21.73 44.29 15.76
CA LEU B 180 -23.08 44.17 16.28
C LEU B 180 -24.05 44.51 15.14
N SER B 181 -24.82 43.51 14.70
CA SER B 181 -25.77 43.67 13.60
C SER B 181 -27.16 43.84 14.22
N LEU B 182 -27.56 45.09 14.42
CA LEU B 182 -28.84 45.40 15.02
C LEU B 182 -29.89 45.67 13.93
N THR B 183 -31.09 46.03 14.37
CA THR B 183 -32.16 46.43 13.46
C THR B 183 -32.31 47.94 13.46
N PRO B 184 -32.60 48.54 12.30
CA PRO B 184 -32.75 50.01 12.26
C PRO B 184 -33.85 50.52 13.17
N GLU B 185 -34.88 49.72 13.43
CA GLU B 185 -35.89 50.11 14.42
C GLU B 185 -35.33 49.96 15.84
N GLN B 186 -34.65 48.86 16.12
CA GLN B 186 -33.98 48.68 17.39
C GLN B 186 -32.81 49.65 17.57
N TRP B 187 -32.35 50.29 16.48
CA TRP B 187 -31.28 51.26 16.59
C TRP B 187 -31.78 52.55 17.26
N LYS B 188 -32.82 53.15 16.69
CA LYS B 188 -33.42 54.35 17.25
C LYS B 188 -34.34 54.06 18.44
N SER B 189 -34.35 52.83 18.94
CA SER B 189 -35.19 52.47 20.07
C SER B 189 -34.50 52.64 21.42
N HIS B 190 -33.17 52.75 21.44
CA HIS B 190 -32.42 52.87 22.68
C HIS B 190 -31.57 54.13 22.66
N ARG B 191 -31.07 54.50 23.84
CA ARG B 191 -30.48 55.82 24.01
C ARG B 191 -29.02 55.85 23.53
N SER B 192 -28.20 54.90 23.98
CA SER B 192 -26.78 54.93 23.66
C SER B 192 -26.27 53.51 23.49
N TYR B 193 -25.24 53.38 22.67
CA TYR B 193 -24.59 52.10 22.38
C TYR B 193 -23.10 52.23 22.70
N SER B 194 -22.65 51.50 23.72
CA SER B 194 -21.25 51.52 24.14
C SER B 194 -20.59 50.18 23.82
N CYS B 195 -19.29 50.24 23.51
CA CYS B 195 -18.49 49.05 23.22
C CYS B 195 -17.46 48.90 24.32
N GLN B 196 -17.74 48.02 25.28
CA GLN B 196 -16.82 47.79 26.38
C GLN B 196 -15.78 46.74 25.97
N VAL B 197 -14.51 47.14 26.00
CA VAL B 197 -13.40 46.28 25.58
C VAL B 197 -12.45 46.14 26.75
N THR B 198 -12.30 44.91 27.24
CA THR B 198 -11.44 44.61 28.38
C THR B 198 -10.14 43.99 27.88
N HIS B 199 -9.01 44.48 28.40
CA HIS B 199 -7.69 44.02 27.99
C HIS B 199 -6.79 44.03 29.22
N GLU B 200 -6.33 42.85 29.65
CA GLU B 200 -5.44 42.70 30.80
C GLU B 200 -6.06 43.33 32.04
N GLY B 201 -7.32 43.00 32.29
CA GLY B 201 -8.06 43.59 33.40
C GLY B 201 -8.68 44.94 33.11
N SER B 202 -7.90 45.86 32.55
CA SER B 202 -8.40 47.19 32.24
C SER B 202 -9.43 47.12 31.12
N THR B 203 -10.53 47.85 31.29
CA THR B 203 -11.61 47.90 30.32
C THR B 203 -11.81 49.34 29.87
N VAL B 204 -11.76 49.56 28.56
CA VAL B 204 -12.06 50.86 27.97
C VAL B 204 -13.37 50.75 27.21
N GLU B 205 -14.09 51.87 27.11
CA GLU B 205 -15.40 51.90 26.49
C GLU B 205 -15.49 53.07 25.53
N LYS B 206 -16.37 52.92 24.53
CA LYS B 206 -16.62 53.96 23.54
C LYS B 206 -18.09 53.89 23.16
N THR B 207 -18.82 54.98 23.40
CA THR B 207 -20.25 55.04 23.14
C THR B 207 -20.53 55.96 21.96
N VAL B 208 -21.62 55.67 21.25
CA VAL B 208 -22.09 56.49 20.14
C VAL B 208 -23.60 56.45 20.12
N ALA B 209 -24.21 57.58 19.79
CA ALA B 209 -25.64 57.77 19.82
C ALA B 209 -26.05 58.61 18.62
N PRO B 210 -27.34 58.56 18.21
CA PRO B 210 -27.76 59.37 17.06
C PRO B 210 -27.76 60.86 17.35
N GLU C 1 -2.05 -6.97 -6.19
CA GLU C 1 -1.74 -7.65 -7.44
C GLU C 1 -0.32 -7.33 -7.89
N VAL C 2 0.63 -8.20 -7.53
CA VAL C 2 1.97 -8.09 -8.09
C VAL C 2 1.99 -8.76 -9.46
N GLN C 3 2.92 -8.34 -10.31
CA GLN C 3 3.00 -8.89 -11.66
C GLN C 3 4.37 -8.59 -12.24
N LEU C 4 5.05 -9.62 -12.72
CA LEU C 4 6.35 -9.48 -13.36
C LEU C 4 6.13 -9.63 -14.87
N VAL C 5 6.06 -8.50 -15.56
CA VAL C 5 5.79 -8.50 -17.00
C VAL C 5 7.11 -8.46 -17.76
N GLN C 6 7.29 -9.41 -18.67
CA GLN C 6 8.52 -9.49 -19.45
C GLN C 6 8.31 -8.85 -20.82
N SER C 7 9.43 -8.63 -21.51
CA SER C 7 9.39 -7.96 -22.81
C SER C 7 8.88 -8.92 -23.88
N GLY C 8 8.55 -8.35 -25.04
CA GLY C 8 8.06 -9.14 -26.15
C GLY C 8 9.14 -10.03 -26.75
N ALA C 9 8.70 -10.96 -27.58
CA ALA C 9 9.62 -11.91 -28.20
C ALA C 9 10.52 -11.20 -29.21
N GLU C 10 11.77 -11.63 -29.26
CA GLU C 10 12.76 -11.06 -30.16
C GLU C 10 13.23 -12.11 -31.16
N VAL C 11 13.74 -11.64 -32.29
CA VAL C 11 14.37 -12.49 -33.30
C VAL C 11 15.62 -11.75 -33.78
N LYS C 12 16.79 -12.35 -33.54
CA LYS C 12 18.06 -11.74 -33.89
C LYS C 12 18.89 -12.73 -34.70
N LYS C 13 20.05 -12.27 -35.16
CA LYS C 13 21.04 -13.07 -35.83
C LYS C 13 22.27 -13.25 -34.94
N PRO C 14 23.11 -14.25 -35.20
CA PRO C 14 24.33 -14.39 -34.41
C PRO C 14 25.20 -13.15 -34.50
N GLY C 15 25.75 -12.75 -33.35
CA GLY C 15 26.56 -11.56 -33.25
C GLY C 15 25.83 -10.33 -32.75
N GLU C 16 24.50 -10.28 -32.92
CA GLU C 16 23.74 -9.13 -32.46
C GLU C 16 23.63 -9.12 -30.95
N SER C 17 23.32 -7.95 -30.40
CA SER C 17 23.11 -7.77 -28.97
C SER C 17 21.61 -7.82 -28.66
N LEU C 18 21.29 -8.25 -27.45
CA LEU C 18 19.91 -8.36 -27.00
C LEU C 18 19.81 -7.98 -25.54
N ARG C 19 18.74 -7.27 -25.18
CA ARG C 19 18.46 -6.89 -23.80
C ARG C 19 16.96 -7.02 -23.58
N ILE C 20 16.55 -8.07 -22.87
CA ILE C 20 15.14 -8.34 -22.64
C ILE C 20 14.74 -7.78 -21.29
N SER C 21 13.49 -7.35 -21.18
CA SER C 21 13.01 -6.61 -20.01
C SER C 21 12.14 -7.51 -19.12
N CYS C 22 11.99 -7.07 -17.87
CA CYS C 22 11.16 -7.78 -16.90
C CYS C 22 10.77 -6.76 -15.82
N LYS C 23 9.52 -6.30 -15.88
CA LYS C 23 9.05 -5.21 -15.04
C LYS C 23 8.20 -5.75 -13.89
N GLY C 24 8.56 -5.38 -12.67
CA GLY C 24 7.81 -5.76 -11.49
C GLY C 24 6.98 -4.59 -10.98
N SER C 25 5.73 -4.89 -10.64
CA SER C 25 4.80 -3.89 -10.12
C SER C 25 3.92 -4.54 -9.07
N GLY C 26 3.32 -3.71 -8.22
CA GLY C 26 2.49 -4.19 -7.13
C GLY C 26 3.23 -4.46 -5.84
N TYR C 27 4.53 -4.18 -5.78
CA TYR C 27 5.33 -4.42 -4.60
C TYR C 27 6.56 -3.52 -4.66
N SER C 28 7.30 -3.48 -3.55
CA SER C 28 8.56 -2.73 -3.49
C SER C 28 9.60 -3.53 -4.25
N PHE C 29 9.92 -3.08 -5.47
CA PHE C 29 10.79 -3.85 -6.36
C PHE C 29 12.22 -3.96 -5.82
N SER C 30 12.70 -2.93 -5.14
CA SER C 30 14.08 -2.92 -4.66
C SER C 30 14.30 -3.86 -3.48
N THR C 31 13.23 -4.32 -2.83
CA THR C 31 13.36 -5.16 -1.65
C THR C 31 13.38 -6.65 -1.96
N TYR C 32 13.18 -7.05 -3.20
CA TYR C 32 13.11 -8.45 -3.57
C TYR C 32 14.10 -8.78 -4.68
N TRP C 33 14.75 -9.93 -4.55
CA TRP C 33 15.66 -10.40 -5.59
C TRP C 33 14.89 -10.73 -6.87
N ILE C 34 15.57 -10.59 -8.00
CA ILE C 34 15.05 -10.98 -9.30
C ILE C 34 16.02 -11.98 -9.90
N SER C 35 15.53 -13.20 -10.16
CA SER C 35 16.35 -14.24 -10.76
C SER C 35 15.94 -14.46 -12.21
N TRP C 36 16.93 -14.80 -13.04
CA TRP C 36 16.72 -15.12 -14.44
C TRP C 36 16.94 -16.60 -14.64
N VAL C 37 15.97 -17.26 -15.29
CA VAL C 37 16.00 -18.70 -15.52
C VAL C 37 15.86 -18.95 -17.01
N ARG C 38 16.71 -19.83 -17.54
CA ARG C 38 16.66 -20.20 -18.95
C ARG C 38 16.01 -21.57 -19.10
N GLN C 39 15.16 -21.71 -20.11
CA GLN C 39 14.52 -22.97 -20.46
C GLN C 39 14.66 -23.17 -21.96
N MET C 40 15.48 -24.13 -22.36
CA MET C 40 15.70 -24.41 -23.77
C MET C 40 14.53 -25.19 -24.36
N PRO C 41 14.28 -25.06 -25.67
CA PRO C 41 13.19 -25.81 -26.30
C PRO C 41 13.25 -27.30 -26.02
N GLY C 42 12.28 -27.81 -25.25
CA GLY C 42 12.25 -29.19 -24.86
C GLY C 42 13.09 -29.55 -23.65
N LYS C 43 13.89 -28.62 -23.14
CA LYS C 43 14.74 -28.86 -21.99
C LYS C 43 14.11 -28.26 -20.73
N GLY C 44 14.83 -28.37 -19.62
CA GLY C 44 14.34 -27.96 -18.32
C GLY C 44 14.79 -26.56 -17.94
N LEU C 45 14.58 -26.24 -16.67
CA LEU C 45 14.89 -24.93 -16.12
C LEU C 45 16.29 -24.94 -15.52
N GLU C 46 17.08 -23.90 -15.83
CA GLU C 46 18.40 -23.71 -15.26
C GLU C 46 18.48 -22.31 -14.68
N TRP C 47 18.85 -22.20 -13.41
CA TRP C 47 18.98 -20.89 -12.80
C TRP C 47 20.27 -20.22 -13.29
N MET C 48 20.12 -19.04 -13.90
CA MET C 48 21.27 -18.33 -14.46
C MET C 48 21.90 -17.40 -13.43
N GLY C 49 21.14 -16.45 -12.92
CA GLY C 49 21.66 -15.52 -11.93
C GLY C 49 20.55 -14.65 -11.39
N LYS C 50 20.89 -13.92 -10.32
CA LYS C 50 19.95 -13.04 -9.65
C LYS C 50 20.57 -11.67 -9.46
N ILE C 51 19.73 -10.72 -9.08
CA ILE C 51 20.16 -9.34 -8.82
C ILE C 51 19.25 -8.75 -7.74
N TYR C 52 19.86 -8.07 -6.77
CA TYR C 52 19.12 -7.35 -5.76
C TYR C 52 18.99 -5.89 -6.19
N PRO C 53 17.82 -5.46 -6.68
CA PRO C 53 17.71 -4.11 -7.25
C PRO C 53 17.88 -3.00 -6.23
N GLY C 54 17.94 -3.30 -4.94
CA GLY C 54 18.14 -2.25 -3.95
C GLY C 54 19.48 -1.57 -4.10
N ASP C 55 20.54 -2.36 -4.27
CA ASP C 55 21.87 -1.85 -4.56
C ASP C 55 22.43 -2.40 -5.87
N SER C 56 21.58 -3.01 -6.69
CA SER C 56 21.96 -3.50 -8.03
C SER C 56 23.09 -4.52 -7.97
N TYR C 57 23.21 -5.25 -6.86
CA TYR C 57 24.21 -6.30 -6.78
C TYR C 57 23.78 -7.52 -7.58
N THR C 58 24.72 -8.08 -8.33
CA THR C 58 24.44 -9.21 -9.21
C THR C 58 25.23 -10.44 -8.78
N ASN C 59 24.70 -11.61 -9.15
CA ASN C 59 25.33 -12.89 -8.89
C ASN C 59 24.94 -13.83 -10.01
N TYR C 60 25.88 -14.68 -10.42
CA TYR C 60 25.68 -15.57 -11.54
C TYR C 60 25.99 -17.02 -11.15
N SER C 61 25.40 -17.94 -11.89
CA SER C 61 25.75 -19.35 -11.79
C SER C 61 27.06 -19.60 -12.53
N PRO C 62 27.87 -20.56 -12.06
CA PRO C 62 29.15 -20.84 -12.75
C PRO C 62 28.99 -21.22 -14.21
N SER C 63 27.84 -21.78 -14.58
CA SER C 63 27.58 -22.19 -15.96
C SER C 63 27.10 -21.04 -16.85
N PHE C 64 26.86 -19.86 -16.27
CA PHE C 64 26.42 -18.70 -17.04
C PHE C 64 27.25 -17.45 -16.80
N GLN C 65 28.23 -17.49 -15.90
CA GLN C 65 29.02 -16.30 -15.60
C GLN C 65 29.85 -15.89 -16.80
N GLY C 66 29.83 -14.60 -17.12
CA GLY C 66 30.48 -14.03 -18.31
C GLY C 66 29.68 -14.12 -19.60
N GLN C 67 28.87 -15.15 -19.76
CA GLN C 67 28.05 -15.28 -20.95
C GLN C 67 27.08 -14.11 -21.08
N VAL C 68 26.46 -13.72 -19.96
CA VAL C 68 25.35 -12.78 -19.97
C VAL C 68 25.51 -11.81 -18.80
N THR C 69 24.85 -10.66 -18.93
CA THR C 69 24.92 -9.60 -17.92
C THR C 69 23.51 -9.28 -17.43
N ILE C 70 23.33 -9.29 -16.11
CA ILE C 70 22.06 -8.94 -15.48
C ILE C 70 22.18 -7.53 -14.90
N SER C 71 21.15 -6.73 -15.09
CA SER C 71 21.13 -5.35 -14.61
C SER C 71 19.72 -5.00 -14.17
N ALA C 72 19.59 -3.82 -13.57
CA ALA C 72 18.29 -3.36 -13.09
C ALA C 72 18.25 -1.84 -13.06
N ASP C 73 17.03 -1.31 -13.18
CA ASP C 73 16.75 0.13 -13.10
C ASP C 73 15.67 0.29 -12.04
N LYS C 74 16.09 0.44 -10.78
CA LYS C 74 15.14 0.47 -9.66
C LYS C 74 14.10 1.56 -9.78
N SER C 75 14.38 2.63 -10.53
CA SER C 75 13.41 3.72 -10.67
C SER C 75 12.15 3.25 -11.39
N ILE C 76 12.31 2.47 -12.46
CA ILE C 76 11.17 1.95 -13.21
C ILE C 76 10.83 0.52 -12.83
N SER C 77 11.54 -0.05 -11.84
CA SER C 77 11.21 -1.35 -11.26
C SER C 77 11.34 -2.50 -12.25
N THR C 78 12.32 -2.41 -13.16
CA THR C 78 12.53 -3.45 -14.16
C THR C 78 13.92 -4.05 -14.03
N ALA C 79 14.03 -5.33 -14.34
CA ALA C 79 15.29 -6.03 -14.40
C ALA C 79 15.61 -6.41 -15.85
N TYR C 80 16.90 -6.58 -16.13
CA TYR C 80 17.36 -6.78 -17.50
C TYR C 80 18.26 -8.00 -17.62
N LEU C 81 18.41 -8.46 -18.85
CA LEU C 81 19.28 -9.58 -19.21
C LEU C 81 19.97 -9.22 -20.52
N GLN C 82 21.29 -9.07 -20.48
CA GLN C 82 22.03 -8.39 -21.53
C GLN C 82 23.00 -9.35 -22.21
N TRP C 83 22.84 -9.50 -23.53
CA TRP C 83 23.77 -10.28 -24.34
C TRP C 83 24.60 -9.34 -25.22
N SER C 84 25.91 -9.50 -25.17
CA SER C 84 26.79 -8.70 -26.02
C SER C 84 26.88 -9.30 -27.42
N SER C 85 27.07 -10.61 -27.52
CA SER C 85 27.15 -11.30 -28.81
C SER C 85 26.34 -12.58 -28.72
N LEU C 86 25.18 -12.58 -29.36
CA LEU C 86 24.28 -13.73 -29.31
C LEU C 86 24.86 -14.89 -30.11
N LYS C 87 25.09 -16.01 -29.43
CA LYS C 87 25.52 -17.23 -30.10
C LYS C 87 24.30 -18.06 -30.50
N ALA C 88 24.53 -19.05 -31.37
CA ALA C 88 23.42 -19.81 -31.94
C ALA C 88 22.65 -20.56 -30.87
N SER C 89 23.35 -21.18 -29.91
CA SER C 89 22.69 -21.97 -28.87
C SER C 89 21.96 -21.11 -27.85
N ASP C 90 22.01 -19.78 -27.96
CA ASP C 90 21.26 -18.94 -27.04
C ASP C 90 19.76 -18.95 -27.29
N THR C 91 19.31 -19.54 -28.40
CA THR C 91 17.88 -19.65 -28.68
C THR C 91 17.20 -20.48 -27.61
N ALA C 92 16.33 -19.85 -26.83
CA ALA C 92 15.58 -20.48 -25.75
C ALA C 92 14.53 -19.46 -25.28
N MET C 93 13.87 -19.78 -24.18
CA MET C 93 12.97 -18.83 -23.53
C MET C 93 13.49 -18.55 -22.12
N TYR C 94 13.29 -17.31 -21.67
CA TYR C 94 13.92 -16.82 -20.45
C TYR C 94 12.85 -16.26 -19.52
N TYR C 95 12.60 -16.95 -18.41
CA TYR C 95 11.72 -16.46 -17.36
C TYR C 95 12.49 -15.55 -16.41
N CYS C 96 11.76 -14.66 -15.76
CA CYS C 96 12.28 -13.90 -14.63
C CYS C 96 11.41 -14.18 -13.42
N ALA C 97 12.03 -14.63 -12.34
CA ALA C 97 11.32 -15.01 -11.12
C ALA C 97 11.78 -14.12 -9.98
N ARG C 98 10.91 -13.97 -8.98
CA ARG C 98 11.19 -13.14 -7.82
C ARG C 98 11.64 -14.03 -6.67
N GLY C 99 12.90 -13.87 -6.26
CA GLY C 99 13.43 -14.64 -5.16
C GLY C 99 14.82 -15.18 -5.42
N TYR C 100 15.46 -15.71 -4.38
CA TYR C 100 16.77 -16.32 -4.49
C TYR C 100 16.73 -17.84 -4.39
N GLY C 101 15.83 -18.39 -3.59
CA GLY C 101 15.65 -19.82 -3.53
C GLY C 101 14.20 -20.19 -3.77
N ILE C 102 13.30 -19.47 -3.10
CA ILE C 102 11.86 -19.60 -3.32
C ILE C 102 11.45 -18.59 -4.38
N PHE C 103 10.98 -19.09 -5.52
CA PHE C 103 10.54 -18.25 -6.63
C PHE C 103 9.01 -18.23 -6.61
N ASP C 104 8.46 -17.33 -5.81
CA ASP C 104 7.02 -17.29 -5.58
C ASP C 104 6.25 -16.64 -6.73
N TYR C 105 6.92 -15.90 -7.60
CA TYR C 105 6.29 -15.32 -8.77
C TYR C 105 7.16 -15.54 -9.99
N TRP C 106 6.53 -15.56 -11.16
CA TRP C 106 7.22 -15.81 -12.41
C TRP C 106 6.72 -14.87 -13.48
N GLY C 107 7.61 -14.45 -14.37
CA GLY C 107 7.21 -13.73 -15.55
C GLY C 107 6.57 -14.64 -16.57
N GLN C 108 5.91 -14.03 -17.56
CA GLN C 108 5.23 -14.82 -18.57
C GLN C 108 6.20 -15.48 -19.54
N GLY C 109 7.43 -14.99 -19.62
CA GLY C 109 8.43 -15.60 -20.49
C GLY C 109 8.74 -14.72 -21.69
N THR C 110 10.01 -14.72 -22.10
CA THR C 110 10.46 -13.96 -23.27
C THR C 110 11.12 -14.93 -24.24
N LEU C 111 10.43 -15.23 -25.34
CA LEU C 111 11.00 -16.11 -26.35
C LEU C 111 12.11 -15.40 -27.12
N VAL C 112 13.27 -16.03 -27.21
CA VAL C 112 14.41 -15.49 -27.94
C VAL C 112 14.86 -16.53 -28.94
N THR C 113 14.85 -16.16 -30.22
CA THR C 113 15.28 -17.05 -31.30
C THR C 113 16.38 -16.34 -32.08
N VAL C 114 17.49 -17.03 -32.32
CA VAL C 114 18.63 -16.46 -33.01
C VAL C 114 19.07 -17.40 -34.11
N SER C 115 19.34 -16.85 -35.30
CA SER C 115 19.81 -17.59 -36.47
C SER C 115 20.18 -16.60 -37.56
N SER C 116 21.10 -17.01 -38.43
CA SER C 116 21.64 -16.11 -39.45
C SER C 116 20.67 -15.85 -40.60
N ALA C 117 19.67 -16.70 -40.79
CA ALA C 117 18.77 -16.57 -41.92
C ALA C 117 17.84 -15.38 -41.74
N SER C 118 17.61 -14.66 -42.84
CA SER C 118 16.66 -13.55 -42.84
C SER C 118 15.31 -14.07 -43.33
N THR C 119 14.42 -13.16 -43.74
CA THR C 119 13.09 -13.57 -44.18
C THR C 119 13.17 -14.40 -45.46
N LYS C 120 12.33 -15.42 -45.55
CA LYS C 120 12.30 -16.31 -46.71
C LYS C 120 10.97 -17.04 -46.75
N GLY C 121 10.33 -17.04 -47.91
CA GLY C 121 9.08 -17.73 -48.09
C GLY C 121 9.27 -19.23 -48.18
N PRO C 122 8.21 -19.99 -47.90
CA PRO C 122 8.31 -21.46 -47.94
C PRO C 122 8.07 -22.02 -49.34
N SER C 123 8.50 -23.27 -49.51
CA SER C 123 8.27 -24.03 -50.73
C SER C 123 7.34 -25.19 -50.38
N VAL C 124 6.13 -25.16 -50.91
CA VAL C 124 5.11 -26.15 -50.60
C VAL C 124 5.20 -27.31 -51.58
N PHE C 125 5.22 -28.53 -51.05
CA PHE C 125 5.30 -29.75 -51.84
C PHE C 125 4.19 -30.70 -51.42
N PRO C 126 3.52 -31.35 -52.38
CA PRO C 126 2.39 -32.22 -52.06
C PRO C 126 2.86 -33.61 -51.68
N LEU C 127 2.58 -34.00 -50.43
CA LEU C 127 2.83 -35.37 -49.98
C LEU C 127 1.68 -36.23 -50.49
N ALA C 128 1.83 -36.72 -51.72
CA ALA C 128 0.75 -37.43 -52.39
C ALA C 128 0.43 -38.73 -51.65
N PRO C 129 -0.82 -39.16 -51.68
CA PRO C 129 -1.20 -40.39 -50.97
C PRO C 129 -0.83 -41.64 -51.73
N SER C 130 -0.84 -42.76 -51.01
CA SER C 130 -0.52 -44.05 -51.61
C SER C 130 -1.74 -44.66 -52.29
N THR C 138 -8.45 -45.51 -43.83
CA THR C 138 -8.50 -44.81 -45.12
C THR C 138 -7.11 -44.30 -45.51
N ALA C 139 -7.06 -43.52 -46.58
CA ALA C 139 -5.80 -42.97 -47.09
C ALA C 139 -5.56 -41.58 -46.51
N ALA C 140 -4.29 -41.27 -46.27
CA ALA C 140 -3.89 -39.99 -45.69
C ALA C 140 -3.08 -39.20 -46.70
N LEU C 141 -3.38 -37.92 -46.83
CA LEU C 141 -2.65 -37.06 -47.77
C LEU C 141 -2.02 -35.89 -47.04
N GLY C 142 -1.70 -34.81 -47.76
CA GLY C 142 -1.09 -33.66 -47.13
C GLY C 142 -0.06 -32.95 -47.99
N CYS C 143 0.31 -31.73 -47.59
CA CYS C 143 1.38 -31.00 -48.24
C CYS C 143 2.43 -30.63 -47.21
N LEU C 144 3.66 -30.41 -47.68
CA LEU C 144 4.79 -30.07 -46.81
C LEU C 144 5.25 -28.66 -47.10
N VAL C 145 5.45 -27.87 -46.05
CA VAL C 145 6.01 -26.54 -46.14
C VAL C 145 7.38 -26.55 -45.46
N LYS C 146 8.40 -26.05 -46.15
CA LYS C 146 9.76 -26.14 -45.66
C LYS C 146 10.54 -24.89 -46.02
N ASP C 147 11.60 -24.65 -45.27
CA ASP C 147 12.58 -23.58 -45.52
C ASP C 147 11.91 -22.20 -45.56
N TYR C 148 11.39 -21.81 -44.40
CA TYR C 148 10.80 -20.48 -44.24
C TYR C 148 11.31 -19.88 -42.93
N PHE C 149 11.23 -18.55 -42.86
CA PHE C 149 11.76 -17.81 -41.72
C PHE C 149 11.02 -16.49 -41.56
N PRO C 150 10.41 -16.22 -40.40
CA PRO C 150 10.25 -17.17 -39.29
C PRO C 150 8.80 -17.61 -39.14
N GLU C 151 8.49 -18.26 -38.02
CA GLU C 151 7.11 -18.61 -37.70
C GLU C 151 6.28 -17.33 -37.55
N PRO C 152 4.95 -17.42 -37.74
CA PRO C 152 4.13 -18.59 -38.04
C PRO C 152 3.72 -18.72 -39.50
N VAL C 153 3.00 -19.81 -39.81
CA VAL C 153 2.38 -20.00 -41.11
C VAL C 153 0.89 -20.21 -40.91
N THR C 154 0.10 -19.83 -41.90
CA THR C 154 -1.36 -19.99 -41.87
C THR C 154 -1.73 -20.95 -42.99
N VAL C 155 -1.68 -22.25 -42.68
CA VAL C 155 -2.03 -23.28 -43.64
C VAL C 155 -3.52 -23.60 -43.49
N SER C 156 -4.14 -24.00 -44.59
CA SER C 156 -5.55 -24.35 -44.59
C SER C 156 -5.84 -25.34 -45.71
N TRP C 157 -6.91 -26.10 -45.54
CA TRP C 157 -7.32 -27.11 -46.51
C TRP C 157 -8.63 -26.66 -47.16
N ASN C 158 -8.59 -26.46 -48.48
CA ASN C 158 -9.75 -26.02 -49.25
C ASN C 158 -10.27 -24.68 -48.73
N SER C 159 -9.35 -23.82 -48.31
CA SER C 159 -9.67 -22.49 -47.79
C SER C 159 -10.61 -22.57 -46.58
N GLY C 160 -10.25 -23.45 -45.65
CA GLY C 160 -10.99 -23.59 -44.41
C GLY C 160 -12.21 -24.47 -44.48
N ALA C 161 -12.57 -24.98 -45.67
CA ALA C 161 -13.75 -25.83 -45.79
C ALA C 161 -13.53 -27.19 -45.13
N LEU C 162 -12.29 -27.66 -45.07
CA LEU C 162 -11.97 -28.96 -44.50
C LEU C 162 -11.48 -28.78 -43.07
N THR C 163 -12.09 -29.51 -42.14
CA THR C 163 -11.80 -29.33 -40.72
C THR C 163 -11.48 -30.64 -40.02
N SER C 164 -12.40 -31.60 -40.09
CA SER C 164 -12.25 -32.83 -39.33
C SER C 164 -11.12 -33.68 -39.87
N GLY C 165 -10.41 -34.36 -38.97
CA GLY C 165 -9.36 -35.27 -39.36
C GLY C 165 -8.11 -34.60 -39.88
N VAL C 166 -7.80 -33.40 -39.41
CA VAL C 166 -6.64 -32.64 -39.85
C VAL C 166 -5.73 -32.37 -38.67
N HIS C 167 -4.42 -32.43 -38.91
CA HIS C 167 -3.42 -32.11 -37.91
C HIS C 167 -2.25 -31.40 -38.58
N THR C 168 -1.67 -30.45 -37.86
CA THR C 168 -0.52 -29.67 -38.34
C THR C 168 0.55 -29.68 -37.25
N PHE C 169 1.66 -30.35 -37.54
CA PHE C 169 2.69 -30.58 -36.55
C PHE C 169 3.42 -29.28 -36.20
N PRO C 170 4.04 -29.21 -35.01
CA PRO C 170 4.78 -28.00 -34.64
C PRO C 170 5.97 -27.76 -35.56
N ALA C 171 6.50 -26.55 -35.46
CA ALA C 171 7.64 -26.14 -36.28
C ALA C 171 8.94 -26.69 -35.71
N VAL C 172 9.78 -27.23 -36.59
CA VAL C 172 11.09 -27.73 -36.21
C VAL C 172 12.15 -26.83 -36.83
N LEU C 173 13.29 -26.72 -36.16
CA LEU C 173 14.40 -25.89 -36.61
C LEU C 173 15.47 -26.81 -37.19
N GLN C 174 15.85 -26.57 -38.44
CA GLN C 174 16.81 -27.42 -39.13
C GLN C 174 18.24 -27.08 -38.71
N SER C 175 19.20 -27.72 -39.36
CA SER C 175 20.60 -27.34 -39.19
C SER C 175 20.92 -26.04 -39.91
N SER C 176 20.18 -25.73 -40.98
CA SER C 176 20.42 -24.50 -41.72
C SER C 176 19.98 -23.29 -40.92
N GLY C 177 18.78 -23.33 -40.35
CA GLY C 177 18.29 -22.24 -39.54
C GLY C 177 16.85 -21.87 -39.80
N LEU C 178 16.25 -22.46 -40.85
CA LEU C 178 14.87 -22.16 -41.19
C LEU C 178 13.90 -23.01 -40.39
N TYR C 179 12.65 -23.07 -40.81
CA TYR C 179 11.63 -23.89 -40.18
C TYR C 179 10.92 -24.73 -41.25
N SER C 180 10.41 -25.88 -40.82
CA SER C 180 9.75 -26.80 -41.74
C SER C 180 8.59 -27.49 -41.03
N LEU C 181 7.44 -27.54 -41.70
CA LEU C 181 6.24 -28.15 -41.16
C LEU C 181 5.69 -29.17 -42.16
N SER C 182 4.67 -29.89 -41.72
CA SER C 182 3.94 -30.82 -42.57
C SER C 182 2.48 -30.85 -42.12
N SER C 183 1.58 -30.58 -43.07
CA SER C 183 0.15 -30.62 -42.81
C SER C 183 -0.41 -31.96 -43.30
N VAL C 184 -1.08 -32.68 -42.41
CA VAL C 184 -1.60 -34.00 -42.71
C VAL C 184 -3.12 -33.98 -42.59
N VAL C 185 -3.77 -34.82 -43.39
CA VAL C 185 -5.22 -34.96 -43.36
C VAL C 185 -5.57 -36.37 -43.84
N THR C 186 -6.50 -37.01 -43.12
CA THR C 186 -6.95 -38.35 -43.46
C THR C 186 -8.31 -38.24 -44.13
N VAL C 187 -8.33 -38.44 -45.46
CA VAL C 187 -9.55 -38.32 -46.25
C VAL C 187 -10.11 -39.72 -46.52
N PRO C 188 -11.39 -39.86 -46.87
CA PRO C 188 -11.90 -41.20 -47.18
C PRO C 188 -11.19 -41.80 -48.38
N SER C 189 -10.95 -43.11 -48.32
CA SER C 189 -10.14 -43.77 -49.34
C SER C 189 -10.88 -43.89 -50.66
N SER C 190 -12.19 -44.13 -50.63
CA SER C 190 -12.93 -44.36 -51.86
C SER C 190 -13.13 -43.08 -52.64
N SER C 191 -13.34 -41.96 -51.95
CA SER C 191 -13.68 -40.69 -52.58
C SER C 191 -12.45 -39.90 -53.02
N LEU C 192 -11.25 -40.50 -52.96
CA LEU C 192 -10.04 -39.77 -53.32
C LEU C 192 -9.88 -39.56 -54.82
N GLY C 193 -10.79 -40.07 -55.64
CA GLY C 193 -10.64 -39.95 -57.08
C GLY C 193 -11.52 -38.88 -57.71
N THR C 194 -12.63 -38.56 -57.07
CA THR C 194 -13.59 -37.60 -57.62
C THR C 194 -13.51 -36.22 -56.96
N GLN C 195 -12.64 -36.05 -55.96
CA GLN C 195 -12.60 -34.83 -55.18
C GLN C 195 -11.17 -34.28 -55.15
N THR C 196 -11.06 -32.96 -55.26
CA THR C 196 -9.77 -32.28 -55.29
C THR C 196 -9.50 -31.64 -53.94
N TYR C 197 -8.27 -31.85 -53.43
CA TYR C 197 -7.83 -31.27 -52.17
C TYR C 197 -6.64 -30.36 -52.44
N ILE C 198 -6.72 -29.12 -51.97
CA ILE C 198 -5.71 -28.10 -52.23
C ILE C 198 -5.28 -27.47 -50.92
N CYS C 199 -3.97 -27.44 -50.68
CA CYS C 199 -3.43 -26.70 -49.56
C CYS C 199 -3.49 -25.20 -49.85
N ASN C 200 -3.84 -24.42 -48.83
CA ASN C 200 -3.83 -22.96 -48.90
C ASN C 200 -2.91 -22.46 -47.81
N VAL C 201 -1.63 -22.32 -48.13
CA VAL C 201 -0.61 -21.84 -47.20
C VAL C 201 -0.43 -20.34 -47.41
N ASN C 202 -0.20 -19.61 -46.32
CA ASN C 202 0.08 -18.19 -46.39
C ASN C 202 1.07 -17.84 -45.30
N HIS C 203 2.09 -17.06 -45.67
CA HIS C 203 3.19 -16.71 -44.76
C HIS C 203 3.28 -15.20 -44.67
N LYS C 204 2.77 -14.65 -43.57
CA LYS C 204 2.71 -13.19 -43.43
C LYS C 204 4.08 -12.50 -43.40
N PRO C 205 5.11 -13.03 -42.72
CA PRO C 205 6.41 -12.34 -42.76
C PRO C 205 6.95 -12.14 -44.18
N SER C 206 6.97 -13.18 -44.99
CA SER C 206 7.41 -13.07 -46.37
C SER C 206 6.30 -12.64 -47.32
N ASN C 207 5.08 -12.45 -46.81
CA ASN C 207 3.94 -12.03 -47.62
C ASN C 207 3.69 -12.99 -48.78
N THR C 208 3.87 -14.28 -48.53
CA THR C 208 3.74 -15.32 -49.53
C THR C 208 2.55 -16.21 -49.20
N LYS C 209 1.71 -16.47 -50.20
CA LYS C 209 0.53 -17.33 -50.03
C LYS C 209 0.37 -18.17 -51.29
N VAL C 210 0.33 -19.49 -51.11
CA VAL C 210 0.30 -20.42 -52.23
C VAL C 210 -0.88 -21.37 -52.06
N ASP C 211 -1.53 -21.73 -53.17
CA ASP C 211 -2.58 -22.75 -53.21
C ASP C 211 -2.05 -23.90 -54.05
N LYS C 212 -1.46 -24.90 -53.38
CA LYS C 212 -0.85 -26.05 -54.06
C LYS C 212 -1.77 -27.25 -53.91
N LYS C 213 -2.13 -27.86 -55.04
CA LYS C 213 -3.03 -29.01 -55.06
C LYS C 213 -2.26 -30.30 -54.84
N VAL C 214 -2.88 -31.23 -54.11
CA VAL C 214 -2.32 -32.54 -53.85
C VAL C 214 -3.04 -33.56 -54.72
N GLU C 215 -2.31 -34.21 -55.61
CA GLU C 215 -2.87 -35.20 -56.51
C GLU C 215 -2.15 -36.54 -56.35
N PRO C 216 -2.87 -37.66 -56.47
CA PRO C 216 -2.24 -38.97 -56.28
C PRO C 216 -1.22 -39.26 -57.38
N LYS C 217 -0.24 -40.09 -57.03
CA LYS C 217 0.80 -40.49 -57.97
C LYS C 217 1.26 -41.91 -57.71
N SER D 1 27.58 -25.59 -9.34
CA SER D 1 28.62 -26.52 -8.95
C SER D 1 28.13 -27.97 -9.02
N TYR D 2 27.27 -28.34 -8.08
CA TYR D 2 26.71 -29.69 -8.05
C TYR D 2 25.43 -29.73 -8.88
N GLU D 3 24.66 -30.81 -8.73
CA GLU D 3 23.49 -31.04 -9.57
C GLU D 3 22.42 -31.74 -8.75
N LEU D 4 21.21 -31.76 -9.31
CA LEU D 4 20.06 -32.45 -8.72
C LEU D 4 19.50 -33.39 -9.78
N THR D 5 19.79 -34.68 -9.63
CA THR D 5 19.30 -35.68 -10.58
C THR D 5 17.94 -36.18 -10.13
N GLN D 6 16.99 -36.20 -11.06
CA GLN D 6 15.65 -36.71 -10.81
C GLN D 6 15.21 -37.56 -12.00
N PRO D 7 14.34 -38.54 -11.78
CA PRO D 7 13.92 -39.43 -12.86
C PRO D 7 13.36 -38.64 -14.03
N PRO D 8 13.82 -38.92 -15.25
CA PRO D 8 13.34 -38.13 -16.40
C PRO D 8 11.87 -38.32 -16.69
N SER D 9 11.30 -39.46 -16.31
CA SER D 9 9.90 -39.73 -16.58
C SER D 9 9.37 -40.73 -15.57
N VAL D 10 8.16 -40.48 -15.07
CA VAL D 10 7.45 -41.41 -14.21
C VAL D 10 6.00 -41.45 -14.69
N SER D 11 5.55 -42.62 -15.13
CA SER D 11 4.18 -42.79 -15.58
C SER D 11 3.32 -43.36 -14.46
N VAL D 12 2.01 -43.14 -14.59
CA VAL D 12 1.08 -43.48 -13.52
C VAL D 12 -0.35 -43.47 -14.04
N SER D 13 -1.22 -44.25 -13.40
CA SER D 13 -2.63 -44.27 -13.73
C SER D 13 -3.43 -43.57 -12.64
N PRO D 14 -4.51 -42.85 -13.00
CA PRO D 14 -5.23 -42.04 -12.00
C PRO D 14 -5.68 -42.83 -10.78
N GLY D 15 -5.15 -42.47 -9.60
CA GLY D 15 -5.58 -43.08 -8.37
C GLY D 15 -4.46 -43.59 -7.48
N GLN D 16 -3.29 -43.83 -8.05
CA GLN D 16 -2.19 -44.42 -7.30
C GLN D 16 -1.15 -43.35 -6.94
N THR D 17 -0.36 -43.67 -5.91
CA THR D 17 0.61 -42.71 -5.38
C THR D 17 1.75 -42.51 -6.37
N ALA D 18 1.91 -41.29 -6.87
CA ALA D 18 3.05 -40.93 -7.69
C ALA D 18 4.19 -40.44 -6.81
N SER D 19 5.42 -40.84 -7.15
CA SER D 19 6.60 -40.47 -6.40
C SER D 19 7.66 -39.95 -7.35
N ILE D 20 8.20 -38.77 -7.05
CA ILE D 20 9.27 -38.16 -7.82
C ILE D 20 10.37 -37.77 -6.84
N THR D 21 11.57 -38.30 -7.06
CA THR D 21 12.70 -38.08 -6.18
C THR D 21 13.59 -36.95 -6.71
N CYS D 22 14.45 -36.44 -5.83
CA CYS D 22 15.42 -35.40 -6.16
C CYS D 22 16.68 -35.71 -5.38
N SER D 23 17.73 -36.14 -6.07
CA SER D 23 18.93 -36.66 -5.44
C SER D 23 20.09 -35.71 -5.66
N GLY D 24 20.85 -35.46 -4.59
CA GLY D 24 22.04 -34.64 -4.65
C GLY D 24 22.86 -34.83 -3.40
N ASP D 25 24.15 -34.54 -3.52
CA ASP D 25 25.07 -34.68 -2.39
C ASP D 25 24.69 -33.75 -1.25
N ASN D 26 24.22 -34.32 -0.15
CA ASN D 26 23.84 -33.57 1.06
C ASN D 26 22.77 -32.53 0.75
N ILE D 27 21.62 -33.02 0.31
CA ILE D 27 20.46 -32.15 0.09
C ILE D 27 19.62 -31.99 1.35
N GLY D 28 19.81 -32.87 2.35
CA GLY D 28 19.03 -32.76 3.57
C GLY D 28 19.33 -31.51 4.38
N ASP D 29 20.53 -30.97 4.23
CA ASP D 29 20.90 -29.76 4.97
C ASP D 29 20.29 -28.50 4.36
N GLN D 30 19.71 -28.58 3.18
CA GLN D 30 19.14 -27.43 2.50
C GLN D 30 17.64 -27.63 2.30
N TYR D 31 16.94 -26.51 2.12
CA TYR D 31 15.52 -26.56 1.84
C TYR D 31 15.29 -26.97 0.39
N ALA D 32 14.45 -27.98 0.18
CA ALA D 32 14.09 -28.45 -1.15
C ALA D 32 12.73 -27.89 -1.53
N HIS D 33 12.67 -27.23 -2.69
CA HIS D 33 11.43 -26.68 -3.22
C HIS D 33 11.05 -27.44 -4.48
N TRP D 34 9.74 -27.64 -4.66
CA TRP D 34 9.22 -28.38 -5.81
C TRP D 34 8.39 -27.45 -6.69
N TYR D 35 8.61 -27.53 -7.98
CA TYR D 35 7.92 -26.70 -8.96
C TYR D 35 7.19 -27.57 -9.96
N GLN D 36 6.13 -27.00 -10.55
CA GLN D 36 5.29 -27.68 -11.52
C GLN D 36 5.07 -26.76 -12.71
N GLN D 37 5.24 -27.30 -13.91
CA GLN D 37 5.08 -26.51 -15.13
C GLN D 37 4.31 -27.32 -16.16
N LYS D 38 3.19 -26.79 -16.61
CA LYS D 38 2.36 -27.31 -17.68
C LYS D 38 2.72 -26.61 -18.99
N PRO D 39 2.49 -27.27 -20.13
CA PRO D 39 2.95 -26.70 -21.41
C PRO D 39 2.38 -25.31 -21.68
N GLY D 40 3.25 -24.40 -22.07
CA GLY D 40 2.84 -23.03 -22.37
C GLY D 40 2.61 -22.16 -21.17
N GLN D 41 2.88 -22.63 -19.96
CA GLN D 41 2.64 -21.88 -18.74
C GLN D 41 3.94 -21.67 -17.98
N SER D 42 3.93 -20.66 -17.10
CA SER D 42 5.05 -20.44 -16.21
C SER D 42 5.02 -21.45 -15.06
N PRO D 43 6.17 -21.75 -14.45
CA PRO D 43 6.18 -22.69 -13.32
C PRO D 43 5.40 -22.14 -12.14
N VAL D 44 4.76 -23.05 -11.40
CA VAL D 44 4.07 -22.74 -10.16
C VAL D 44 4.59 -23.69 -9.08
N LEU D 45 4.81 -23.15 -7.89
CA LEU D 45 5.39 -23.92 -6.80
C LEU D 45 4.33 -24.78 -6.13
N VAL D 46 4.64 -26.05 -5.92
CA VAL D 46 3.67 -26.97 -5.34
C VAL D 46 4.07 -27.29 -3.91
N ILE D 47 5.36 -27.27 -3.63
CA ILE D 47 5.89 -27.57 -2.31
C ILE D 47 7.11 -26.69 -2.06
N TYR D 48 7.12 -26.02 -0.91
CA TYR D 48 8.24 -25.21 -0.46
C TYR D 48 8.71 -25.67 0.91
N GLN D 49 9.99 -25.43 1.18
CA GLN D 49 10.64 -25.82 2.44
C GLN D 49 10.39 -27.29 2.75
N ASP D 50 10.87 -28.14 1.84
CA ASP D 50 10.79 -29.60 1.95
C ASP D 50 9.36 -30.12 1.94
N LYS D 51 8.55 -29.75 2.93
CA LYS D 51 7.22 -30.34 3.08
C LYS D 51 6.07 -29.34 3.17
N ASN D 52 6.34 -28.06 3.40
CA ASN D 52 5.27 -27.09 3.55
C ASN D 52 4.50 -26.93 2.25
N ARG D 53 3.17 -26.88 2.37
CA ARG D 53 2.28 -26.77 1.22
C ARG D 53 1.69 -25.38 1.15
N PRO D 54 1.79 -24.71 0.00
CA PRO D 54 1.15 -23.40 -0.14
C PRO D 54 -0.37 -23.53 -0.11
N SER D 55 -1.03 -22.41 0.20
CA SER D 55 -2.48 -22.38 0.13
C SER D 55 -2.94 -22.53 -1.31
N GLY D 56 -4.12 -23.14 -1.48
CA GLY D 56 -4.65 -23.43 -2.80
C GLY D 56 -4.01 -24.60 -3.51
N ILE D 57 -2.96 -25.20 -2.94
CA ILE D 57 -2.34 -26.38 -3.51
C ILE D 57 -3.07 -27.60 -2.95
N PRO D 58 -3.47 -28.54 -3.81
CA PRO D 58 -4.23 -29.71 -3.32
C PRO D 58 -3.51 -30.44 -2.20
N GLU D 59 -4.30 -30.92 -1.24
CA GLU D 59 -3.76 -31.54 -0.03
C GLU D 59 -2.95 -32.79 -0.33
N ARG D 60 -3.19 -33.46 -1.46
CA ARG D 60 -2.52 -34.72 -1.74
C ARG D 60 -1.03 -34.55 -1.99
N PHE D 61 -0.60 -33.35 -2.40
CA PHE D 61 0.81 -33.09 -2.61
C PHE D 61 1.57 -33.10 -1.28
N SER D 62 2.58 -33.96 -1.19
CA SER D 62 3.40 -34.09 0.01
C SER D 62 4.84 -33.75 -0.33
N GLY D 63 5.63 -33.63 0.73
CA GLY D 63 7.02 -33.25 0.60
C GLY D 63 7.87 -33.95 1.64
N SER D 64 9.08 -34.31 1.23
CA SER D 64 10.01 -35.02 2.09
C SER D 64 11.42 -34.68 1.66
N ASN D 65 12.34 -34.72 2.62
CA ASN D 65 13.75 -34.44 2.36
C ASN D 65 14.60 -34.97 3.51
N SER D 66 15.47 -35.94 3.23
CA SER D 66 16.37 -36.47 4.24
C SER D 66 17.58 -37.08 3.55
N GLY D 67 18.76 -36.87 4.14
CA GLY D 67 19.98 -37.40 3.56
C GLY D 67 20.33 -36.80 2.22
N ASN D 68 20.28 -37.62 1.16
CA ASN D 68 20.65 -37.20 -0.19
C ASN D 68 19.47 -37.25 -1.15
N THR D 69 18.25 -37.38 -0.65
CA THR D 69 17.07 -37.52 -1.49
C THR D 69 15.94 -36.66 -0.98
N ALA D 70 15.39 -35.83 -1.87
CA ALA D 70 14.15 -35.10 -1.64
C ALA D 70 13.09 -35.65 -2.58
N THR D 71 11.90 -35.92 -2.07
CA THR D 71 10.86 -36.58 -2.85
C THR D 71 9.50 -35.99 -2.51
N LEU D 72 8.78 -35.56 -3.54
CA LEU D 72 7.39 -35.17 -3.40
C LEU D 72 6.52 -36.31 -3.92
N THR D 73 5.47 -36.63 -3.17
CA THR D 73 4.61 -37.78 -3.48
C THR D 73 3.18 -37.28 -3.63
N ILE D 74 2.57 -37.55 -4.79
CA ILE D 74 1.20 -37.14 -5.08
C ILE D 74 0.32 -38.36 -4.86
N SER D 75 -0.34 -38.42 -3.70
CA SER D 75 -1.23 -39.53 -3.39
C SER D 75 -2.55 -39.35 -4.14
N GLY D 76 -2.98 -40.41 -4.82
CA GLY D 76 -4.21 -40.35 -5.60
C GLY D 76 -4.18 -39.26 -6.64
N THR D 77 -3.20 -39.33 -7.54
CA THR D 77 -2.99 -38.28 -8.53
C THR D 77 -4.15 -38.20 -9.51
N GLN D 78 -4.33 -37.02 -10.09
CA GLN D 78 -5.37 -36.75 -11.07
C GLN D 78 -4.76 -36.49 -12.45
N ALA D 79 -5.66 -36.43 -13.44
CA ALA D 79 -5.23 -36.10 -14.80
C ALA D 79 -4.73 -34.66 -14.89
N MET D 80 -5.24 -33.76 -14.04
CA MET D 80 -4.77 -32.38 -13.97
C MET D 80 -3.33 -32.25 -13.47
N ASP D 81 -2.65 -33.34 -13.13
CA ASP D 81 -1.27 -33.28 -12.65
C ASP D 81 -0.26 -33.58 -13.75
N GLU D 82 -0.70 -33.89 -14.96
CA GLU D 82 0.21 -34.16 -16.07
C GLU D 82 1.02 -32.92 -16.40
N ALA D 83 2.22 -32.84 -15.86
CA ALA D 83 3.08 -31.69 -16.05
C ALA D 83 4.51 -32.09 -15.72
N ASP D 84 5.44 -31.20 -16.06
CA ASP D 84 6.82 -31.39 -15.66
C ASP D 84 7.01 -30.88 -14.23
N TYR D 85 7.81 -31.61 -13.45
CA TYR D 85 8.11 -31.26 -12.08
C TYR D 85 9.61 -30.99 -11.95
N TYR D 86 9.94 -29.98 -11.16
CA TYR D 86 11.33 -29.54 -11.01
C TYR D 86 11.60 -29.28 -9.54
N CYS D 87 12.51 -30.06 -8.95
CA CYS D 87 13.01 -29.74 -7.63
C CYS D 87 14.07 -28.66 -7.74
N ALA D 88 14.22 -27.90 -6.65
CA ALA D 88 15.19 -26.81 -6.62
C ALA D 88 15.70 -26.63 -5.20
N THR D 89 16.85 -25.97 -5.08
CA THR D 89 17.41 -25.68 -3.79
C THR D 89 18.29 -24.44 -3.88
N TYR D 90 18.29 -23.66 -2.82
CA TYR D 90 19.24 -22.58 -2.63
C TYR D 90 20.30 -23.03 -1.63
N THR D 91 21.56 -22.77 -1.96
CA THR D 91 22.66 -23.09 -1.06
C THR D 91 23.34 -21.82 -0.60
N GLY D 92 23.91 -21.87 0.60
CA GLY D 92 24.59 -20.72 1.17
C GLY D 92 25.90 -20.43 0.48
N PHE D 93 26.84 -21.38 0.52
CA PHE D 93 28.17 -21.18 -0.04
C PHE D 93 28.07 -21.03 -1.55
N GLY D 94 28.39 -19.84 -2.05
CA GLY D 94 28.25 -19.53 -3.45
C GLY D 94 26.95 -18.85 -3.82
N SER D 95 25.96 -18.89 -2.94
CA SER D 95 24.65 -18.27 -3.18
C SER D 95 24.05 -18.75 -4.50
N LEU D 96 23.87 -20.06 -4.59
CA LEU D 96 23.49 -20.72 -5.84
C LEU D 96 22.09 -21.29 -5.74
N ALA D 97 21.31 -21.09 -6.80
CA ALA D 97 20.05 -21.79 -6.99
C ALA D 97 20.24 -22.78 -8.14
N VAL D 98 19.79 -24.02 -7.93
CA VAL D 98 19.97 -25.07 -8.92
C VAL D 98 18.71 -25.91 -8.97
N PHE D 99 18.16 -26.10 -10.17
CA PHE D 99 17.00 -26.94 -10.38
C PHE D 99 17.43 -28.39 -10.59
N GLY D 100 16.44 -29.27 -10.71
CA GLY D 100 16.68 -30.63 -11.16
C GLY D 100 16.59 -30.75 -12.67
N GLY D 101 16.82 -31.95 -13.16
CA GLY D 101 16.73 -32.19 -14.59
C GLY D 101 15.31 -32.04 -15.12
N GLY D 102 14.34 -32.55 -14.38
CA GLY D 102 12.94 -32.47 -14.81
C GLY D 102 12.33 -33.85 -14.89
N THR D 103 11.15 -33.99 -14.32
CA THR D 103 10.40 -35.23 -14.34
C THR D 103 9.06 -35.01 -15.02
N LYS D 104 8.83 -35.74 -16.11
CA LYS D 104 7.55 -35.68 -16.83
C LYS D 104 6.64 -36.75 -16.26
N LEU D 105 5.72 -36.35 -15.37
CA LEU D 105 4.76 -37.26 -14.78
C LEU D 105 3.58 -37.43 -15.73
N THR D 106 3.49 -38.59 -16.36
CA THR D 106 2.38 -38.88 -17.27
C THR D 106 1.28 -39.61 -16.51
N VAL D 107 0.09 -39.00 -16.48
CA VAL D 107 -1.10 -39.64 -15.93
C VAL D 107 -1.92 -40.18 -17.09
N LEU D 108 -2.21 -41.48 -17.05
CA LEU D 108 -2.80 -42.17 -18.19
C LEU D 108 -4.31 -42.00 -18.15
N GLY D 109 -4.79 -40.94 -18.81
CA GLY D 109 -6.21 -40.67 -18.93
C GLY D 109 -6.89 -41.32 -20.11
N GLN D 110 -6.15 -42.11 -20.89
CA GLN D 110 -6.69 -42.83 -22.03
C GLN D 110 -6.12 -44.24 -22.00
N PRO D 111 -6.82 -45.20 -22.61
CA PRO D 111 -6.21 -46.52 -22.84
C PRO D 111 -5.13 -46.43 -23.91
N LYS D 112 -4.26 -47.42 -23.91
CA LYS D 112 -3.13 -47.42 -24.84
C LYS D 112 -3.63 -47.52 -26.28
N ALA D 113 -3.03 -46.72 -27.16
CA ALA D 113 -3.38 -46.69 -28.57
C ALA D 113 -2.10 -46.76 -29.39
N ALA D 114 -2.02 -47.75 -30.27
CA ALA D 114 -0.87 -47.94 -31.15
C ALA D 114 -0.92 -46.94 -32.30
N PRO D 115 0.24 -46.51 -32.82
CA PRO D 115 0.25 -45.45 -33.83
C PRO D 115 -0.07 -46.00 -35.22
N SER D 116 -0.14 -45.08 -36.18
CA SER D 116 -0.40 -45.42 -37.58
C SER D 116 0.57 -44.60 -38.42
N VAL D 117 1.52 -45.28 -39.06
CA VAL D 117 2.63 -44.65 -39.75
C VAL D 117 2.38 -44.66 -41.25
N THR D 118 2.70 -43.55 -41.91
CA THR D 118 2.67 -43.44 -43.37
C THR D 118 3.97 -42.79 -43.82
N LEU D 119 4.80 -43.56 -44.52
CA LEU D 119 6.08 -43.06 -45.01
C LEU D 119 5.88 -42.45 -46.39
N PHE D 120 6.05 -41.13 -46.48
CA PHE D 120 5.82 -40.41 -47.73
C PHE D 120 7.13 -40.28 -48.50
N PRO D 121 7.22 -40.78 -49.72
CA PRO D 121 8.39 -40.50 -50.56
C PRO D 121 8.35 -39.06 -51.06
N PRO D 122 9.49 -38.51 -51.46
CA PRO D 122 9.50 -37.14 -51.97
C PRO D 122 8.67 -37.02 -53.25
N SER D 123 7.91 -35.93 -53.35
CA SER D 123 7.05 -35.72 -54.50
C SER D 123 7.86 -35.52 -55.76
N SER D 124 7.23 -35.78 -56.91
CA SER D 124 7.87 -35.54 -58.19
C SER D 124 8.18 -34.05 -58.37
N GLU D 125 7.36 -33.18 -57.78
CA GLU D 125 7.67 -31.76 -57.80
C GLU D 125 8.91 -31.45 -56.97
N GLU D 126 9.02 -32.05 -55.79
CA GLU D 126 10.18 -31.81 -54.94
C GLU D 126 11.44 -32.46 -55.51
N LEU D 127 11.29 -33.64 -56.12
CA LEU D 127 12.46 -34.35 -56.66
C LEU D 127 13.11 -33.57 -57.79
N GLN D 128 12.34 -32.79 -58.54
CA GLN D 128 12.88 -32.00 -59.64
C GLN D 128 13.64 -30.77 -59.16
N ALA D 129 13.72 -30.53 -57.84
CA ALA D 129 14.41 -29.38 -57.30
C ALA D 129 15.74 -29.75 -56.66
N ASN D 130 16.32 -30.89 -57.06
CA ASN D 130 17.61 -31.35 -56.55
C ASN D 130 17.62 -31.51 -55.04
N LYS D 131 16.45 -31.79 -54.46
CA LYS D 131 16.32 -31.99 -53.02
C LYS D 131 15.26 -33.06 -52.76
N ALA D 132 15.47 -33.84 -51.71
CA ALA D 132 14.55 -34.91 -51.35
C ALA D 132 14.39 -34.94 -49.83
N THR D 133 13.15 -35.10 -49.38
CA THR D 133 12.83 -35.17 -47.95
C THR D 133 11.84 -36.30 -47.74
N LEU D 134 12.28 -37.36 -47.06
CA LEU D 134 11.38 -38.42 -46.64
C LEU D 134 10.61 -37.98 -45.41
N VAL D 135 9.28 -38.08 -45.47
CA VAL D 135 8.40 -37.62 -44.39
C VAL D 135 7.71 -38.83 -43.78
N CYS D 136 7.77 -38.94 -42.47
CA CYS D 136 7.24 -40.08 -41.71
C CYS D 136 6.22 -39.57 -40.70
N LEU D 137 4.99 -39.38 -41.17
CA LEU D 137 3.91 -38.91 -40.30
C LEU D 137 3.41 -40.03 -39.40
N ILE D 138 3.21 -39.70 -38.13
CA ILE D 138 2.72 -40.64 -37.12
C ILE D 138 1.48 -40.04 -36.48
N SER D 139 0.45 -40.86 -36.28
CA SER D 139 -0.83 -40.34 -35.82
C SER D 139 -1.52 -41.35 -34.92
N ASP D 140 -2.34 -40.82 -34.01
CA ASP D 140 -3.24 -41.60 -33.15
C ASP D 140 -2.49 -42.64 -32.34
N PHE D 141 -1.67 -42.15 -31.41
CA PHE D 141 -0.97 -43.01 -30.47
C PHE D 141 -1.05 -42.44 -29.07
N TYR D 142 -0.94 -43.34 -28.09
CA TYR D 142 -0.98 -43.03 -26.67
C TYR D 142 -0.26 -44.17 -25.96
N PRO D 143 0.48 -43.91 -24.86
CA PRO D 143 0.72 -42.70 -24.05
C PRO D 143 1.33 -41.51 -24.79
N GLY D 144 1.93 -41.74 -25.95
CA GLY D 144 2.56 -40.66 -26.68
C GLY D 144 4.02 -40.47 -26.38
N ALA D 145 4.73 -41.53 -26.03
CA ALA D 145 6.19 -41.50 -25.82
C ALA D 145 6.80 -42.41 -26.88
N VAL D 146 7.27 -41.80 -27.96
CA VAL D 146 7.66 -42.54 -29.16
C VAL D 146 9.12 -42.26 -29.49
N THR D 147 9.76 -43.24 -30.13
CA THR D 147 11.12 -43.11 -30.64
C THR D 147 11.14 -43.54 -32.10
N VAL D 148 11.91 -42.82 -32.91
CA VAL D 148 11.96 -43.09 -34.35
C VAL D 148 13.41 -43.32 -34.76
N ALA D 149 13.57 -44.07 -35.86
CA ALA D 149 14.87 -44.34 -36.43
C ALA D 149 14.67 -44.84 -37.85
N TRP D 150 15.57 -44.46 -38.76
CA TRP D 150 15.45 -44.79 -40.16
C TRP D 150 16.43 -45.90 -40.53
N LYS D 151 16.04 -46.69 -41.53
CA LYS D 151 16.86 -47.80 -42.01
C LYS D 151 16.80 -47.82 -43.53
N ALA D 152 17.92 -47.43 -44.17
CA ALA D 152 18.07 -47.47 -45.62
C ALA D 152 18.74 -48.78 -45.99
N ASP D 153 17.97 -49.71 -46.56
CA ASP D 153 18.43 -51.06 -46.87
C ASP D 153 19.00 -51.73 -45.62
N SER D 154 18.24 -51.65 -44.52
CA SER D 154 18.62 -52.23 -43.24
C SER D 154 19.94 -51.65 -42.73
N SER D 155 20.08 -50.33 -42.85
CA SER D 155 21.26 -49.63 -42.37
C SER D 155 20.85 -48.32 -41.72
N PRO D 156 21.19 -48.09 -40.45
CA PRO D 156 20.74 -46.87 -39.77
C PRO D 156 21.39 -45.62 -40.35
N VAL D 157 20.60 -44.55 -40.42
CA VAL D 157 21.06 -43.25 -40.90
C VAL D 157 20.55 -42.22 -39.90
N LYS D 158 21.49 -41.56 -39.20
CA LYS D 158 21.14 -40.60 -38.15
C LYS D 158 21.36 -39.16 -38.54
N ALA D 159 22.00 -38.88 -39.68
CA ALA D 159 22.23 -37.52 -40.11
C ALA D 159 21.07 -37.02 -40.96
N GLY D 160 20.89 -35.69 -40.97
CA GLY D 160 19.82 -35.09 -41.73
C GLY D 160 18.43 -35.41 -41.25
N VAL D 161 18.27 -35.67 -39.95
CA VAL D 161 16.98 -35.98 -39.37
C VAL D 161 16.65 -34.92 -38.32
N GLU D 162 15.38 -34.56 -38.23
CA GLU D 162 14.92 -33.58 -37.25
C GLU D 162 13.43 -33.84 -37.01
N THR D 163 13.11 -34.38 -35.85
CA THR D 163 11.74 -34.77 -35.51
C THR D 163 11.16 -33.80 -34.50
N THR D 164 9.84 -33.89 -34.33
CA THR D 164 9.09 -33.01 -33.44
C THR D 164 8.61 -33.78 -32.21
N THR D 165 8.35 -33.03 -31.15
CA THR D 165 7.78 -33.60 -29.95
C THR D 165 6.34 -34.04 -30.21
N PRO D 166 5.84 -35.04 -29.47
CA PRO D 166 4.46 -35.50 -29.69
C PRO D 166 3.46 -34.44 -29.25
N SER D 167 2.68 -33.96 -30.21
CA SER D 167 1.62 -32.99 -29.95
C SER D 167 0.26 -33.68 -29.99
N LYS D 168 -0.69 -33.10 -29.26
CA LYS D 168 -2.06 -33.64 -29.25
C LYS D 168 -2.83 -33.15 -30.46
N GLN D 169 -3.59 -34.05 -31.06
CA GLN D 169 -4.45 -33.72 -32.20
C GLN D 169 -5.89 -33.56 -31.72
N SER D 170 -6.80 -33.39 -32.68
CA SER D 170 -8.18 -33.02 -32.35
C SER D 170 -8.87 -34.09 -31.52
N ASN D 171 -8.55 -35.36 -31.74
CA ASN D 171 -9.17 -36.47 -31.02
C ASN D 171 -8.48 -36.76 -29.69
N ASN D 172 -7.71 -35.81 -29.16
CA ASN D 172 -7.03 -35.94 -27.88
C ASN D 172 -6.05 -37.11 -27.86
N LYS D 173 -5.57 -37.52 -29.02
CA LYS D 173 -4.44 -38.44 -29.13
C LYS D 173 -3.21 -37.66 -29.55
N TYR D 174 -2.07 -38.34 -29.53
CA TYR D 174 -0.80 -37.69 -29.83
C TYR D 174 -0.37 -37.96 -31.28
N ALA D 175 0.35 -36.99 -31.84
CA ALA D 175 0.87 -37.07 -33.20
C ALA D 175 2.31 -36.58 -33.20
N ALA D 176 3.16 -37.25 -33.99
CA ALA D 176 4.57 -36.92 -34.06
C ALA D 176 5.01 -36.84 -35.53
N SER D 177 6.04 -36.02 -35.77
CA SER D 177 6.54 -35.77 -37.11
C SER D 177 8.02 -36.13 -37.18
N SER D 178 8.43 -36.71 -38.30
CA SER D 178 9.82 -37.13 -38.49
C SER D 178 10.18 -36.97 -39.96
N TYR D 179 11.26 -36.24 -40.21
CA TYR D 179 11.73 -35.94 -41.56
C TYR D 179 13.04 -36.64 -41.83
N LEU D 180 13.47 -36.56 -43.10
CA LEU D 180 14.79 -37.06 -43.51
C LEU D 180 15.16 -36.33 -44.81
N SER D 181 15.83 -35.19 -44.66
CA SER D 181 16.38 -34.50 -45.81
C SER D 181 17.56 -35.29 -46.37
N LEU D 182 17.45 -35.73 -47.61
CA LEU D 182 18.47 -36.54 -48.25
C LEU D 182 18.72 -36.05 -49.66
N THR D 183 19.96 -36.18 -50.11
CA THR D 183 20.31 -35.73 -51.45
C THR D 183 19.65 -36.64 -52.49
N PRO D 184 19.24 -36.09 -53.64
CA PRO D 184 18.67 -36.95 -54.69
C PRO D 184 19.65 -37.97 -55.22
N GLU D 185 20.96 -37.72 -55.11
CA GLU D 185 21.93 -38.75 -55.46
C GLU D 185 21.87 -39.92 -54.48
N GLN D 186 21.39 -39.68 -53.27
CA GLN D 186 21.27 -40.73 -52.25
C GLN D 186 19.94 -41.47 -52.34
N TRP D 187 18.87 -40.80 -52.76
CA TRP D 187 17.58 -41.46 -52.85
C TRP D 187 17.57 -42.53 -53.94
N LYS D 188 18.22 -42.25 -55.06
CA LYS D 188 18.36 -43.24 -56.12
C LYS D 188 19.53 -44.19 -55.89
N SER D 189 20.42 -43.88 -54.93
CA SER D 189 21.54 -44.76 -54.67
C SER D 189 21.11 -46.04 -53.99
N HIS D 190 20.19 -45.94 -53.02
CA HIS D 190 19.70 -47.10 -52.29
C HIS D 190 18.41 -47.63 -52.91
N ARG D 191 18.00 -48.80 -52.46
CA ARG D 191 16.83 -49.47 -52.99
C ARG D 191 15.55 -49.10 -52.25
N SER D 192 15.63 -48.92 -50.93
CA SER D 192 14.43 -48.62 -50.14
C SER D 192 14.84 -47.99 -48.82
N TYR D 193 14.18 -46.89 -48.47
CA TYR D 193 14.32 -46.26 -47.16
C TYR D 193 13.12 -46.61 -46.31
N SER D 194 13.38 -46.98 -45.05
CA SER D 194 12.33 -47.41 -44.14
C SER D 194 12.32 -46.52 -42.89
N CYS D 195 11.11 -46.19 -42.42
CA CYS D 195 10.92 -45.45 -41.18
C CYS D 195 10.41 -46.41 -40.13
N GLN D 196 11.10 -46.45 -38.98
CA GLN D 196 10.77 -47.36 -37.89
C GLN D 196 10.35 -46.53 -36.68
N VAL D 197 9.04 -46.36 -36.51
CA VAL D 197 8.47 -45.68 -35.36
C VAL D 197 8.02 -46.72 -34.35
N THR D 198 8.49 -46.61 -33.11
CA THR D 198 8.20 -47.58 -32.07
C THR D 198 7.87 -46.87 -30.78
N HIS D 199 6.96 -47.46 -30.00
CA HIS D 199 6.60 -46.91 -28.71
C HIS D 199 5.94 -47.99 -27.86
N GLU D 200 6.27 -47.98 -26.56
CA GLU D 200 5.63 -48.86 -25.58
C GLU D 200 5.87 -50.34 -25.89
N GLY D 201 7.08 -50.68 -26.30
CA GLY D 201 7.44 -52.06 -26.47
C GLY D 201 7.16 -52.61 -27.86
N SER D 202 6.14 -52.07 -28.52
CA SER D 202 5.78 -52.48 -29.86
C SER D 202 6.49 -51.61 -30.90
N THR D 203 6.70 -52.18 -32.08
CA THR D 203 7.41 -51.48 -33.15
C THR D 203 6.66 -51.67 -34.46
N VAL D 204 6.82 -50.69 -35.35
CA VAL D 204 6.14 -50.67 -36.65
C VAL D 204 7.05 -49.98 -37.65
N GLU D 205 7.13 -50.54 -38.85
CA GLU D 205 7.94 -49.98 -39.93
C GLU D 205 7.11 -49.86 -41.19
N LYS D 206 7.56 -48.99 -42.10
CA LYS D 206 6.92 -48.80 -43.39
C LYS D 206 7.90 -48.11 -44.32
N THR D 207 8.06 -48.66 -45.52
CA THR D 207 9.10 -48.22 -46.46
C THR D 207 8.49 -47.88 -47.80
N VAL D 208 9.19 -47.00 -48.52
CA VAL D 208 8.82 -46.60 -49.88
C VAL D 208 10.04 -46.72 -50.78
N ALA D 209 9.80 -47.03 -52.05
CA ALA D 209 10.87 -47.26 -52.99
C ALA D 209 10.77 -46.29 -54.17
N PRO D 210 11.90 -45.76 -54.66
CA PRO D 210 11.93 -44.85 -55.80
C PRO D 210 11.56 -45.55 -57.11
N CYS E 4 -32.07 -23.37 -12.44
CA CYS E 4 -32.00 -22.43 -11.31
C CYS E 4 -30.76 -21.55 -11.40
N SER E 5 -30.56 -20.94 -12.57
CA SER E 5 -29.42 -20.06 -12.77
C SER E 5 -29.61 -18.67 -12.17
N ASN E 6 -30.67 -18.46 -11.40
CA ASN E 6 -31.01 -17.15 -10.87
C ASN E 6 -30.53 -16.93 -9.44
N CYS E 7 -30.13 -17.98 -8.74
CA CYS E 7 -29.69 -17.82 -7.36
C CYS E 7 -28.47 -16.92 -7.30
N PRO E 8 -28.46 -15.90 -6.46
CA PRO E 8 -27.33 -14.96 -6.41
C PRO E 8 -26.16 -15.56 -5.64
N ALA E 9 -25.12 -14.75 -5.48
CA ALA E 9 -23.97 -15.15 -4.68
C ALA E 9 -24.35 -15.19 -3.20
N GLY E 10 -23.63 -16.01 -2.44
CA GLY E 10 -23.94 -16.20 -1.04
C GLY E 10 -24.96 -17.28 -0.76
N THR E 11 -25.52 -17.89 -1.79
CA THR E 11 -26.50 -18.96 -1.63
C THR E 11 -26.28 -20.00 -2.71
N PHE E 12 -26.83 -21.19 -2.49
CA PHE E 12 -26.68 -22.31 -3.41
C PHE E 12 -28.03 -22.86 -3.80
N CYS E 13 -28.18 -23.20 -5.08
CA CYS E 13 -29.45 -23.71 -5.58
C CYS E 13 -29.67 -25.14 -5.10
N ASP E 14 -30.90 -25.41 -4.64
CA ASP E 14 -31.31 -26.75 -4.23
C ASP E 14 -32.72 -26.96 -4.78
N ASN E 15 -32.83 -27.73 -5.86
CA ASN E 15 -34.10 -27.88 -6.55
C ASN E 15 -35.12 -28.68 -5.75
N ASN E 16 -34.68 -29.51 -4.81
CA ASN E 16 -35.58 -30.38 -4.05
C ASN E 16 -36.13 -29.73 -2.79
N ARG E 17 -35.91 -28.44 -2.61
CA ARG E 17 -36.31 -27.74 -1.39
C ARG E 17 -37.46 -26.78 -1.66
N ASN E 18 -38.07 -26.31 -0.59
CA ASN E 18 -39.14 -25.32 -0.67
C ASN E 18 -38.66 -24.08 -1.43
N GLN E 19 -37.57 -23.48 -0.97
CA GLN E 19 -36.91 -22.38 -1.65
C GLN E 19 -35.72 -22.92 -2.43
N ILE E 20 -35.64 -22.56 -3.71
CA ILE E 20 -34.56 -23.05 -4.54
C ILE E 20 -33.22 -22.51 -4.07
N CYS E 21 -33.19 -21.24 -3.68
CA CYS E 21 -31.95 -20.56 -3.28
C CYS E 21 -31.88 -20.55 -1.75
N SER E 22 -31.11 -21.48 -1.19
CA SER E 22 -30.85 -21.53 0.25
C SER E 22 -29.49 -20.93 0.54
N PRO E 23 -29.37 -20.07 1.55
CA PRO E 23 -28.07 -19.41 1.80
C PRO E 23 -27.02 -20.39 2.29
N CYS E 24 -25.77 -20.02 2.04
CA CYS E 24 -24.66 -20.87 2.45
C CYS E 24 -24.52 -20.86 3.97
N PRO E 25 -24.17 -22.01 4.57
CA PRO E 25 -23.92 -22.03 6.01
C PRO E 25 -22.61 -21.33 6.33
N PRO E 26 -22.35 -21.03 7.60
CA PRO E 26 -21.07 -20.44 7.98
C PRO E 26 -19.90 -21.32 7.57
N ASN E 27 -18.73 -20.69 7.48
CA ASN E 27 -17.50 -21.33 7.00
C ASN E 27 -17.62 -21.80 5.55
N SER E 28 -18.55 -21.21 4.80
CA SER E 28 -18.72 -21.51 3.38
C SER E 28 -19.18 -20.26 2.66
N PHE E 29 -18.88 -20.20 1.36
CA PHE E 29 -19.18 -19.00 0.58
C PHE E 29 -19.52 -19.38 -0.85
N SER E 30 -20.13 -18.44 -1.56
CA SER E 30 -20.47 -18.59 -2.97
C SER E 30 -20.11 -17.30 -3.68
N SER E 31 -19.26 -17.41 -4.70
CA SER E 31 -18.75 -16.23 -5.40
C SER E 31 -19.39 -15.98 -6.75
N ALA E 32 -19.78 -17.04 -7.46
CA ALA E 32 -20.30 -16.90 -8.80
C ALA E 32 -21.82 -16.71 -8.82
N GLY E 33 -22.54 -17.42 -7.98
CA GLY E 33 -23.99 -17.36 -8.03
C GLY E 33 -24.57 -18.38 -9.00
N GLY E 34 -25.78 -18.84 -8.71
CA GLY E 34 -26.38 -19.88 -9.50
C GLY E 34 -25.70 -21.22 -9.39
N GLN E 35 -24.85 -21.41 -8.39
CA GLN E 35 -24.16 -22.68 -8.20
C GLN E 35 -24.94 -23.58 -7.25
N ARG E 36 -24.78 -24.89 -7.45
CA ARG E 36 -25.44 -25.88 -6.61
C ARG E 36 -24.62 -26.27 -5.39
N THR E 37 -23.64 -25.45 -5.01
CA THR E 37 -22.77 -25.77 -3.89
C THR E 37 -22.07 -24.49 -3.43
N CYS E 38 -21.62 -24.51 -2.17
CA CYS E 38 -20.85 -23.43 -1.59
C CYS E 38 -19.42 -23.90 -1.34
N ASP E 39 -18.46 -23.06 -1.69
CA ASP E 39 -17.06 -23.40 -1.46
C ASP E 39 -16.70 -23.23 0.00
N ILE E 40 -15.92 -24.18 0.52
CA ILE E 40 -15.51 -24.12 1.92
C ILE E 40 -14.50 -22.99 2.11
N CYS E 41 -14.69 -22.20 3.16
CA CYS E 41 -13.79 -21.09 3.43
C CYS E 41 -12.39 -21.59 3.76
N ARG E 42 -11.38 -20.87 3.29
CA ARG E 42 -9.99 -21.21 3.55
C ARG E 42 -9.69 -20.86 5.01
N GLN E 43 -9.65 -21.88 5.87
CA GLN E 43 -9.30 -21.68 7.27
C GLN E 43 -7.80 -21.50 7.39
N CYS E 44 -7.39 -20.60 8.28
CA CYS E 44 -5.98 -20.24 8.45
C CYS E 44 -5.60 -20.48 9.91
N LYS E 45 -4.73 -21.48 10.13
CA LYS E 45 -4.32 -21.88 11.47
C LYS E 45 -2.80 -21.97 11.54
N GLY E 46 -2.29 -22.01 12.76
CA GLY E 46 -0.87 -22.12 13.00
C GLY E 46 -0.03 -20.98 12.47
N VAL E 47 0.79 -21.27 11.46
CA VAL E 47 1.71 -20.27 10.92
C VAL E 47 0.95 -19.15 10.23
N PHE E 48 -0.21 -19.47 9.64
CA PHE E 48 -1.02 -18.44 8.99
C PHE E 48 -1.87 -17.69 10.02
N ARG E 49 -2.48 -16.59 9.55
CA ARG E 49 -3.37 -15.78 10.38
C ARG E 49 -4.34 -15.06 9.47
N THR E 50 -5.59 -14.94 9.92
CA THR E 50 -6.67 -14.43 9.08
C THR E 50 -6.57 -12.92 8.94
N ARG E 51 -6.26 -12.45 7.74
CA ARG E 51 -6.28 -11.02 7.45
C ARG E 51 -7.71 -10.52 7.36
N LYS E 52 -8.53 -11.16 6.52
CA LYS E 52 -9.92 -10.79 6.35
C LYS E 52 -10.76 -12.05 6.49
N GLU E 53 -11.73 -12.02 7.41
CA GLU E 53 -12.60 -13.17 7.60
C GLU E 53 -13.45 -13.41 6.37
N CYS E 54 -13.77 -14.67 6.11
CA CYS E 54 -14.58 -15.02 4.95
C CYS E 54 -16.04 -14.67 5.22
N SER E 55 -16.72 -14.21 4.18
CA SER E 55 -18.12 -13.86 4.24
C SER E 55 -18.93 -14.85 3.41
N SER E 56 -20.17 -14.48 3.12
CA SER E 56 -21.00 -15.29 2.23
C SER E 56 -20.61 -15.10 0.77
N THR E 57 -19.92 -14.02 0.44
CA THR E 57 -19.59 -13.69 -0.94
C THR E 57 -18.10 -13.69 -1.24
N SER E 58 -17.23 -13.86 -0.24
CA SER E 58 -15.80 -13.85 -0.46
C SER E 58 -15.13 -14.90 0.41
N ASN E 59 -14.01 -15.41 -0.07
CA ASN E 59 -13.21 -16.35 0.70
C ASN E 59 -12.36 -15.59 1.73
N ALA E 60 -11.83 -16.32 2.70
CA ALA E 60 -11.00 -15.73 3.73
C ALA E 60 -9.63 -15.37 3.16
N GLU E 61 -9.25 -14.11 3.26
CA GLU E 61 -7.90 -13.67 2.94
C GLU E 61 -7.06 -13.67 4.20
N CYS E 62 -5.83 -14.13 4.07
CA CYS E 62 -4.98 -14.34 5.23
C CYS E 62 -3.58 -13.83 4.96
N ASP E 63 -2.81 -13.68 6.04
CA ASP E 63 -1.40 -13.36 5.95
C ASP E 63 -0.65 -14.26 6.94
N CYS E 64 0.55 -13.85 7.32
CA CYS E 64 1.36 -14.57 8.29
C CYS E 64 1.43 -13.81 9.60
N THR E 65 1.74 -14.54 10.67
CA THR E 65 1.88 -13.95 11.99
C THR E 65 3.12 -13.05 12.04
N PRO E 66 3.26 -12.24 13.08
CA PRO E 66 4.56 -11.56 13.30
C PRO E 66 5.67 -12.59 13.42
N GLY E 67 6.83 -12.25 12.86
CA GLY E 67 7.92 -13.19 12.75
C GLY E 67 7.89 -14.05 11.51
N PHE E 68 6.84 -13.97 10.71
CA PHE E 68 6.75 -14.63 9.41
C PHE E 68 6.24 -13.62 8.39
N HIS E 69 6.71 -13.76 7.15
CA HIS E 69 6.37 -12.83 6.09
C HIS E 69 5.75 -13.56 4.91
N CYS E 70 4.98 -12.83 4.12
CA CYS E 70 4.15 -13.43 3.08
C CYS E 70 4.95 -13.65 1.80
N LEU E 71 4.89 -14.89 1.29
CA LEU E 71 5.42 -15.24 -0.03
C LEU E 71 4.28 -15.80 -0.87
N GLY E 72 4.32 -15.51 -2.16
CA GLY E 72 3.35 -16.06 -3.09
C GLY E 72 2.09 -15.21 -3.20
N ALA E 73 1.34 -15.45 -4.28
CA ALA E 73 0.12 -14.72 -4.54
C ALA E 73 -0.93 -15.01 -3.47
N GLY E 74 -1.59 -13.95 -2.99
CA GLY E 74 -2.52 -14.09 -1.89
C GLY E 74 -1.91 -14.58 -0.60
N CYS E 75 -0.60 -14.39 -0.42
CA CYS E 75 0.13 -14.88 0.75
C CYS E 75 -0.03 -16.39 0.89
N SER E 76 0.42 -17.11 -0.15
CA SER E 76 0.24 -18.56 -0.16
C SER E 76 1.24 -19.23 0.77
N MET E 77 2.38 -18.60 1.03
CA MET E 77 3.47 -19.18 1.79
C MET E 77 3.95 -18.20 2.85
N CYS E 78 4.51 -18.73 3.92
CA CYS E 78 5.04 -17.93 5.02
C CYS E 78 6.46 -18.38 5.31
N GLU E 79 7.41 -17.46 5.18
CA GLU E 79 8.81 -17.69 5.49
C GLU E 79 9.15 -16.98 6.78
N GLN E 80 9.99 -17.63 7.60
CA GLN E 80 10.31 -17.10 8.92
C GLN E 80 11.13 -15.82 8.81
N ASP E 81 10.73 -14.80 9.56
CA ASP E 81 11.52 -13.59 9.64
C ASP E 81 12.81 -13.84 10.42
N CYS E 82 13.80 -12.97 10.18
CA CYS E 82 14.99 -12.95 11.00
C CYS E 82 15.16 -11.58 11.63
N LYS E 83 16.39 -11.17 11.87
CA LYS E 83 16.70 -9.83 12.33
C LYS E 83 17.60 -9.14 11.32
N GLN E 84 17.55 -7.81 11.31
CA GLN E 84 18.45 -7.05 10.46
C GLN E 84 19.89 -7.39 10.82
N GLY E 85 20.62 -7.92 9.85
CA GLY E 85 21.94 -8.48 10.10
C GLY E 85 21.99 -10.00 10.10
N GLN E 86 20.94 -10.67 9.65
CA GLN E 86 20.88 -12.12 9.61
C GLN E 86 20.35 -12.57 8.26
N GLU E 87 20.45 -13.88 8.01
CA GLU E 87 19.83 -14.52 6.86
C GLU E 87 19.20 -15.83 7.33
N LEU E 88 18.14 -16.24 6.65
CA LEU E 88 17.43 -17.45 7.04
C LEU E 88 18.15 -18.67 6.49
N THR E 89 18.45 -19.62 7.38
CA THR E 89 19.00 -20.91 7.01
C THR E 89 17.96 -21.99 7.31
N LYS E 90 18.34 -23.24 7.07
CA LYS E 90 17.49 -24.35 7.46
C LYS E 90 17.56 -24.62 8.96
N LYS E 91 18.70 -24.31 9.58
CA LYS E 91 18.88 -24.47 11.02
C LYS E 91 18.45 -23.25 11.81
N GLY E 92 17.75 -22.32 11.19
CA GLY E 92 17.30 -21.11 11.86
C GLY E 92 17.99 -19.87 11.30
N CYS E 93 17.71 -18.75 11.94
CA CYS E 93 18.31 -17.48 11.55
C CYS E 93 19.76 -17.43 12.02
N LYS E 94 20.68 -17.31 11.07
CA LYS E 94 22.09 -17.21 11.36
C LYS E 94 22.59 -15.79 11.07
N ASP E 95 23.45 -15.29 11.94
CA ASP E 95 24.02 -13.96 11.73
C ASP E 95 24.89 -13.94 10.48
N CYS E 96 24.85 -12.83 9.76
CA CYS E 96 25.66 -12.68 8.56
C CYS E 96 27.14 -12.85 8.90
N CYS E 97 27.88 -13.40 7.94
CA CYS E 97 29.33 -13.39 8.06
C CYS E 97 29.84 -11.95 8.01
N PHE E 98 31.13 -11.79 8.31
CA PHE E 98 31.69 -10.46 8.55
C PHE E 98 31.44 -9.52 7.37
N GLY E 99 32.03 -9.83 6.22
CA GLY E 99 32.03 -8.88 5.11
C GLY E 99 30.70 -8.63 4.43
N THR E 100 29.61 -9.16 4.97
CA THR E 100 28.30 -9.06 4.33
C THR E 100 27.26 -8.57 5.34
N PHE E 101 26.10 -8.17 4.82
CA PHE E 101 25.08 -7.51 5.62
C PHE E 101 23.70 -7.86 5.10
N ASN E 102 22.68 -7.49 5.88
CA ASN E 102 21.29 -7.61 5.46
C ASN E 102 20.48 -6.54 6.18
N ASP E 103 19.95 -5.58 5.41
CA ASP E 103 19.19 -4.46 5.97
C ASP E 103 17.71 -4.77 6.09
N GLN E 104 17.30 -6.00 5.85
CA GLN E 104 15.92 -6.45 6.06
C GLN E 104 15.92 -7.56 7.10
N LYS E 105 14.75 -7.82 7.67
CA LYS E 105 14.54 -9.00 8.50
C LYS E 105 14.02 -10.17 7.69
N ARG E 106 14.25 -10.16 6.37
CA ARG E 106 14.02 -11.29 5.50
C ARG E 106 15.09 -11.28 4.42
N GLY E 107 15.25 -12.42 3.74
CA GLY E 107 16.23 -12.51 2.67
C GLY E 107 17.58 -12.97 3.17
N ILE E 108 18.58 -12.76 2.31
CA ILE E 108 19.92 -13.26 2.54
C ILE E 108 20.89 -12.10 2.76
N CYS E 109 22.10 -12.44 3.19
CA CYS E 109 23.14 -11.45 3.40
C CYS E 109 23.81 -11.07 2.08
N ARG E 110 24.19 -9.80 1.97
CA ARG E 110 24.73 -9.21 0.75
C ARG E 110 26.13 -8.64 1.02
N PRO E 111 27.07 -8.79 0.09
CA PRO E 111 28.44 -8.37 0.38
C PRO E 111 28.59 -6.86 0.34
N TRP E 112 29.50 -6.36 1.17
CA TRP E 112 29.74 -4.93 1.26
C TRP E 112 30.25 -4.38 -0.06
N THR E 113 29.79 -3.18 -0.40
CA THR E 113 30.28 -2.50 -1.59
C THR E 113 31.76 -2.20 -1.46
N ASN E 114 32.50 -2.45 -2.55
CA ASN E 114 33.94 -2.26 -2.56
C ASN E 114 34.25 -0.86 -3.07
N CYS E 115 34.67 0.03 -2.16
CA CYS E 115 35.05 1.38 -2.54
C CYS E 115 36.40 1.44 -3.24
N SER E 116 37.27 0.46 -3.00
CA SER E 116 38.57 0.47 -3.66
C SER E 116 38.44 0.26 -5.17
N LEU E 117 37.46 -0.53 -5.59
CA LEU E 117 37.32 -0.84 -7.01
C LEU E 117 37.01 0.40 -7.83
N ASP E 118 36.30 1.36 -7.26
CA ASP E 118 35.93 2.59 -7.95
C ASP E 118 36.83 3.76 -7.57
N GLY E 119 37.99 3.50 -6.99
CA GLY E 119 38.90 4.57 -6.58
C GLY E 119 38.33 5.45 -5.50
N LYS E 120 37.39 4.94 -4.70
CA LYS E 120 36.75 5.70 -3.64
C LYS E 120 37.28 5.27 -2.28
N SER E 121 36.86 6.01 -1.26
CA SER E 121 37.24 5.72 0.12
C SER E 121 35.99 5.48 0.95
N VAL E 122 36.13 4.63 1.96
CA VAL E 122 35.01 4.28 2.83
C VAL E 122 34.66 5.51 3.67
N LEU E 123 33.52 6.14 3.37
CA LEU E 123 33.11 7.32 4.11
C LEU E 123 32.38 6.93 5.40
N VAL E 124 31.40 6.03 5.30
CA VAL E 124 30.67 5.52 6.45
C VAL E 124 31.02 4.05 6.61
N ASN E 125 31.62 3.70 7.74
CA ASN E 125 32.03 2.33 7.98
C ASN E 125 30.82 1.39 8.01
N GLY E 126 31.00 0.18 7.49
CA GLY E 126 29.91 -0.75 7.37
C GLY E 126 29.76 -1.69 8.55
N THR E 127 28.60 -2.36 8.58
CA THR E 127 28.27 -3.26 9.67
C THR E 127 27.47 -4.43 9.12
N LYS E 128 27.07 -5.34 10.01
CA LYS E 128 26.26 -6.48 9.62
C LYS E 128 24.85 -6.08 9.22
N GLU E 129 24.43 -4.85 9.49
CA GLU E 129 23.07 -4.40 9.19
C GLU E 129 22.99 -3.38 8.07
N ARG E 130 24.10 -2.79 7.63
CA ARG E 130 24.07 -1.82 6.56
C ARG E 130 25.38 -1.87 5.78
N ASP E 131 25.34 -1.30 4.57
CA ASP E 131 26.45 -1.39 3.63
C ASP E 131 27.43 -0.23 3.83
N VAL E 132 28.69 -0.48 3.47
CA VAL E 132 29.69 0.57 3.46
C VAL E 132 29.29 1.67 2.49
N VAL E 133 29.48 2.92 2.90
CA VAL E 133 29.26 4.07 2.04
C VAL E 133 30.62 4.57 1.55
N CYS E 134 30.71 4.88 0.26
CA CYS E 134 31.94 5.36 -0.34
C CYS E 134 31.89 6.86 -0.55
N GLY E 135 33.07 7.45 -0.69
CA GLY E 135 33.19 8.86 -1.00
C GLY E 135 33.64 9.08 -2.42
N PRO E 136 34.12 10.29 -2.73
CA PRO E 136 34.65 10.60 -4.06
C PRO E 136 36.00 9.92 -4.31
N ASP F 2 24.92 23.37 -0.78
CA ASP F 2 25.09 22.59 -2.00
C ASP F 2 26.22 21.55 -1.89
N PRO F 3 27.43 21.95 -1.46
CA PRO F 3 28.50 20.94 -1.34
C PRO F 3 28.26 19.96 -0.20
N CYS F 4 27.46 20.30 0.79
CA CYS F 4 27.20 19.42 1.92
C CYS F 4 26.30 18.23 1.56
N SER F 5 25.63 18.26 0.41
CA SER F 5 24.73 17.18 0.05
C SER F 5 25.46 15.86 -0.12
N ASN F 6 26.75 15.90 -0.45
CA ASN F 6 27.53 14.69 -0.67
C ASN F 6 27.92 13.98 0.61
N CYS F 7 27.57 14.53 1.78
CA CYS F 7 27.84 13.85 3.04
C CYS F 7 26.66 12.94 3.38
N PRO F 8 26.88 11.64 3.54
CA PRO F 8 25.77 10.70 3.74
C PRO F 8 25.37 10.63 5.21
N ALA F 9 24.36 9.80 5.47
CA ALA F 9 23.96 9.53 6.84
C ALA F 9 25.10 8.87 7.60
N GLY F 10 25.28 9.27 8.86
CA GLY F 10 26.43 8.86 9.63
C GLY F 10 27.59 9.84 9.57
N THR F 11 27.43 10.96 8.87
CA THR F 11 28.43 12.00 8.83
C THR F 11 27.74 13.35 8.98
N PHE F 12 28.53 14.37 9.30
CA PHE F 12 28.05 15.74 9.27
C PHE F 12 29.02 16.59 8.46
N CYS F 13 28.52 17.70 7.95
CA CYS F 13 29.25 18.53 7.00
C CYS F 13 29.91 19.70 7.71
N ASP F 14 31.23 19.81 7.58
CA ASP F 14 32.00 20.93 8.12
C ASP F 14 32.79 21.52 6.97
N ASN F 15 32.35 22.68 6.46
CA ASN F 15 33.04 23.32 5.34
C ASN F 15 34.42 23.83 5.73
N ASN F 16 34.71 23.97 7.02
CA ASN F 16 36.05 24.36 7.44
C ASN F 16 37.07 23.24 7.27
N ARG F 17 36.61 22.01 7.04
CA ARG F 17 37.52 20.91 6.74
C ARG F 17 37.86 20.91 5.26
N ASN F 18 39.07 20.43 4.95
CA ASN F 18 39.39 20.15 3.55
C ASN F 18 38.67 18.90 3.06
N GLN F 19 38.34 17.99 3.97
CA GLN F 19 37.48 16.84 3.71
C GLN F 19 36.23 17.05 4.56
N ILE F 20 35.21 17.64 3.95
CA ILE F 20 34.14 18.28 4.72
C ILE F 20 33.29 17.25 5.47
N CYS F 21 33.17 16.03 4.95
CA CYS F 21 32.32 15.03 5.57
C CYS F 21 33.12 14.29 6.64
N SER F 22 32.73 14.47 7.90
CA SER F 22 33.32 13.84 9.07
C SER F 22 32.31 12.92 9.74
N PRO F 23 32.71 11.73 10.16
CA PRO F 23 31.77 10.82 10.82
C PRO F 23 31.33 11.36 12.17
N CYS F 24 30.15 10.92 12.59
CA CYS F 24 29.58 11.41 13.84
C CYS F 24 30.41 10.93 15.03
N PRO F 25 30.55 11.75 16.07
CA PRO F 25 31.23 11.30 17.29
C PRO F 25 30.40 10.26 18.01
N PRO F 26 30.95 9.63 19.05
CA PRO F 26 30.16 8.65 19.81
C PRO F 26 28.92 9.27 20.42
N ASN F 27 27.95 8.41 20.76
CA ASN F 27 26.66 8.84 21.30
C ASN F 27 25.96 9.83 20.38
N SER F 28 26.19 9.70 19.08
CA SER F 28 25.67 10.67 18.12
C SER F 28 25.35 9.96 16.81
N PHE F 29 24.35 10.48 16.10
CA PHE F 29 23.89 9.87 14.86
C PHE F 29 23.48 10.94 13.86
N SER F 30 23.51 10.56 12.59
CA SER F 30 22.96 11.36 11.50
C SER F 30 22.20 10.41 10.58
N SER F 31 20.88 10.55 10.52
CA SER F 31 20.03 9.59 9.83
C SER F 31 19.71 9.98 8.40
N ALA F 32 19.94 11.23 8.00
CA ALA F 32 19.56 11.70 6.67
C ALA F 32 20.73 12.06 5.78
N GLY F 33 21.74 12.72 6.32
CA GLY F 33 22.86 13.16 5.48
C GLY F 33 22.67 14.57 4.97
N GLY F 34 23.80 15.23 4.71
CA GLY F 34 23.78 16.62 4.30
C GLY F 34 23.55 17.59 5.44
N GLN F 35 23.81 17.18 6.67
CA GLN F 35 23.55 17.98 7.85
C GLN F 35 24.85 18.54 8.42
N ARG F 36 24.76 19.72 9.01
CA ARG F 36 25.91 20.37 9.62
C ARG F 36 26.17 19.90 11.05
N THR F 37 25.50 18.85 11.48
CA THR F 37 25.64 18.34 12.85
C THR F 37 25.02 16.95 12.92
N CYS F 38 25.43 16.20 13.93
CA CYS F 38 24.79 14.93 14.26
C CYS F 38 24.02 15.10 15.57
N ASP F 39 22.85 14.46 15.65
CA ASP F 39 22.04 14.53 16.85
C ASP F 39 22.60 13.59 17.93
N ILE F 40 22.31 13.93 19.17
CA ILE F 40 22.76 13.11 20.30
C ILE F 40 21.80 11.94 20.47
N CYS F 41 22.35 10.75 20.66
CA CYS F 41 21.53 9.55 20.83
C CYS F 41 20.66 9.67 22.06
N ARG F 42 19.38 9.34 21.91
CA ARG F 42 18.49 9.20 23.05
C ARG F 42 19.04 8.14 24.00
N GLN F 43 18.96 8.41 25.30
CA GLN F 43 19.67 7.60 26.28
C GLN F 43 18.82 6.60 27.02
N CYS F 44 17.50 6.63 26.84
CA CYS F 44 16.57 5.71 27.52
C CYS F 44 16.83 5.66 29.03
N LYS F 45 16.77 6.84 29.64
CA LYS F 45 17.07 6.95 31.07
C LYS F 45 15.81 6.81 31.91
N GLY F 46 16.01 6.52 33.19
CA GLY F 46 14.92 6.42 34.15
C GLY F 46 14.00 5.24 33.93
N VAL F 47 12.73 5.52 33.68
CA VAL F 47 11.71 4.48 33.53
C VAL F 47 11.76 3.92 32.12
N PHE F 48 12.73 4.35 31.34
CA PHE F 48 12.92 3.85 29.98
C PHE F 48 13.93 2.71 29.96
N ARG F 49 13.89 1.95 28.87
CA ARG F 49 14.78 0.81 28.68
C ARG F 49 15.24 0.79 27.23
N THR F 50 16.43 0.23 27.01
CA THR F 50 17.05 0.24 25.69
C THR F 50 16.57 -0.96 24.88
N ARG F 51 15.88 -0.69 23.77
CA ARG F 51 15.46 -1.75 22.85
C ARG F 51 16.49 -1.99 21.76
N LYS F 52 16.77 -0.97 20.96
CA LYS F 52 17.80 -1.01 19.93
C LYS F 52 18.83 0.06 20.25
N GLU F 53 20.05 -0.36 20.59
CA GLU F 53 21.10 0.59 20.92
C GLU F 53 21.39 1.50 19.73
N CYS F 54 21.94 2.68 20.03
CA CYS F 54 22.17 3.68 19.01
C CYS F 54 23.28 3.24 18.04
N SER F 55 23.31 3.89 16.88
CA SER F 55 24.36 3.69 15.90
C SER F 55 24.67 5.02 15.23
N SER F 56 25.65 5.00 14.33
CA SER F 56 26.03 6.21 13.61
C SER F 56 24.92 6.72 12.70
N THR F 57 23.97 5.86 12.34
CA THR F 57 22.93 6.22 11.39
C THR F 57 21.52 6.01 11.91
N SER F 58 21.34 5.52 13.13
CA SER F 58 20.01 5.32 13.70
C SER F 58 20.03 5.68 15.18
N ASN F 59 19.02 6.43 15.61
CA ASN F 59 18.90 6.79 17.01
C ASN F 59 18.61 5.55 17.86
N ALA F 60 18.94 5.64 19.14
CA ALA F 60 18.57 4.57 20.06
C ALA F 60 17.05 4.50 20.21
N GLU F 61 16.53 3.28 20.27
CA GLU F 61 15.10 3.04 20.41
C GLU F 61 14.83 2.53 21.82
N CYS F 62 13.88 3.16 22.50
CA CYS F 62 13.55 2.81 23.87
C CYS F 62 12.20 2.14 23.95
N ASP F 63 12.08 1.18 24.87
CA ASP F 63 10.81 0.72 25.39
C ASP F 63 10.83 0.95 26.91
N CYS F 64 9.72 0.64 27.56
CA CYS F 64 9.64 0.87 28.99
C CYS F 64 10.18 -0.32 29.76
N THR F 65 10.35 -0.13 31.07
CA THR F 65 10.73 -1.20 31.99
C THR F 65 9.61 -2.23 32.02
N PRO F 66 9.83 -3.44 32.56
CA PRO F 66 8.77 -4.46 32.51
C PRO F 66 7.40 -4.00 32.98
N GLY F 67 7.30 -3.40 34.16
CA GLY F 67 6.01 -3.05 34.73
C GLY F 67 5.35 -1.81 34.14
N PHE F 68 5.79 -1.41 32.95
CA PHE F 68 5.26 -0.21 32.30
C PHE F 68 4.97 -0.53 30.83
N HIS F 69 4.26 0.40 30.17
CA HIS F 69 3.95 0.25 28.75
C HIS F 69 4.14 1.58 28.04
N CYS F 70 4.63 1.52 26.80
CA CYS F 70 4.99 2.71 26.05
C CYS F 70 3.75 3.50 25.64
N LEU F 71 3.86 4.82 25.68
CA LEU F 71 2.89 5.73 25.11
C LEU F 71 3.63 6.79 24.31
N GLY F 72 2.96 7.34 23.32
CA GLY F 72 3.52 8.43 22.54
C GLY F 72 4.47 7.93 21.45
N ALA F 73 4.67 8.78 20.45
CA ALA F 73 5.51 8.45 19.31
C ALA F 73 6.94 8.18 19.76
N GLY F 74 7.47 7.03 19.36
CA GLY F 74 8.81 6.63 19.76
C GLY F 74 8.95 6.27 21.22
N CYS F 75 7.86 5.84 21.86
CA CYS F 75 7.85 5.52 23.29
C CYS F 75 8.34 6.71 24.11
N SER F 76 7.65 7.83 23.94
CA SER F 76 8.05 9.05 24.63
C SER F 76 7.64 9.04 26.10
N MET F 77 6.65 8.23 26.46
CA MET F 77 6.14 8.15 27.82
C MET F 77 6.05 6.70 28.26
N CYS F 78 5.90 6.51 29.57
CA CYS F 78 5.72 5.19 30.16
C CYS F 78 4.65 5.27 31.22
N GLU F 79 3.53 4.61 30.98
CA GLU F 79 2.44 4.51 31.95
C GLU F 79 2.50 3.15 32.64
N GLN F 80 2.23 3.15 33.95
CA GLN F 80 2.40 1.94 34.74
C GLN F 80 1.38 0.88 34.36
N ASP F 81 1.86 -0.35 34.23
CA ASP F 81 1.00 -1.49 33.96
C ASP F 81 0.21 -1.89 35.21
N CYS F 82 -1.02 -2.31 35.01
CA CYS F 82 -1.83 -2.96 36.02
C CYS F 82 -2.11 -4.39 35.55
N LYS F 83 -2.88 -5.12 36.37
CA LYS F 83 -3.27 -6.48 35.99
C LYS F 83 -4.50 -6.42 35.08
N GLN F 84 -4.93 -7.59 34.61
CA GLN F 84 -6.23 -7.71 33.97
C GLN F 84 -7.31 -7.72 35.04
N GLY F 85 -8.43 -7.08 34.74
CA GLY F 85 -9.46 -6.88 35.74
C GLY F 85 -9.21 -5.70 36.67
N GLN F 86 -8.20 -4.90 36.39
CA GLN F 86 -7.89 -3.70 37.16
C GLN F 86 -7.84 -2.48 36.24
N GLU F 87 -7.79 -1.32 36.86
CA GLU F 87 -7.59 -0.06 36.14
C GLU F 87 -6.61 0.79 36.93
N LEU F 88 -5.99 1.75 36.25
CA LEU F 88 -4.97 2.60 36.85
C LEU F 88 -5.62 3.88 37.36
N THR F 89 -5.61 4.06 38.68
CA THR F 89 -5.98 5.31 39.30
C THR F 89 -4.77 5.87 40.03
N LYS F 90 -4.88 7.14 40.45
CA LYS F 90 -3.73 7.82 41.03
C LYS F 90 -3.24 7.14 42.30
N LYS F 91 -4.14 6.51 43.06
CA LYS F 91 -3.77 5.80 44.26
C LYS F 91 -3.12 4.45 44.00
N GLY F 92 -3.06 4.01 42.73
CA GLY F 92 -2.42 2.77 42.34
C GLY F 92 -3.32 1.97 41.42
N CYS F 93 -3.03 0.67 41.30
CA CYS F 93 -3.88 -0.22 40.52
C CYS F 93 -5.02 -0.71 41.38
N LYS F 94 -6.26 -0.48 40.94
CA LYS F 94 -7.45 -0.83 41.70
C LYS F 94 -8.31 -1.79 40.90
N ASP F 95 -8.92 -2.74 41.59
CA ASP F 95 -9.80 -3.70 40.94
C ASP F 95 -10.98 -3.00 40.30
N CYS F 96 -11.45 -3.57 39.18
CA CYS F 96 -12.65 -3.05 38.54
C CYS F 96 -13.85 -3.22 39.48
N CYS F 97 -14.69 -2.20 39.53
CA CYS F 97 -15.92 -2.30 40.30
C CYS F 97 -16.87 -3.30 39.65
N PHE F 98 -17.81 -3.80 40.44
CA PHE F 98 -18.79 -4.74 39.94
C PHE F 98 -19.58 -4.13 38.79
N GLY F 99 -19.80 -4.92 37.74
CA GLY F 99 -20.44 -4.45 36.54
C GLY F 99 -19.50 -3.93 35.48
N THR F 100 -18.20 -3.85 35.76
CA THR F 100 -17.20 -3.39 34.80
C THR F 100 -16.09 -4.43 34.70
N PHE F 101 -15.33 -4.34 33.62
CA PHE F 101 -14.27 -5.30 33.36
C PHE F 101 -13.18 -4.64 32.52
N ASN F 102 -11.99 -5.25 32.57
CA ASN F 102 -10.88 -4.82 31.73
C ASN F 102 -10.06 -6.04 31.36
N ASP F 103 -9.97 -6.33 30.06
CA ASP F 103 -9.27 -7.50 29.54
C ASP F 103 -7.83 -7.21 29.16
N GLN F 104 -7.32 -6.02 29.47
CA GLN F 104 -5.96 -5.63 29.11
C GLN F 104 -5.14 -5.35 30.35
N LYS F 105 -3.81 -5.43 30.19
CA LYS F 105 -2.88 -5.02 31.23
C LYS F 105 -2.75 -3.50 31.33
N ARG F 106 -3.61 -2.76 30.64
CA ARG F 106 -3.58 -1.31 30.65
C ARG F 106 -4.99 -0.80 30.40
N GLY F 107 -5.19 0.48 30.69
CA GLY F 107 -6.46 1.11 30.39
C GLY F 107 -7.42 1.10 31.58
N ILE F 108 -8.68 1.35 31.27
CA ILE F 108 -9.72 1.49 32.28
C ILE F 108 -10.72 0.34 32.15
N CYS F 109 -11.56 0.21 33.16
CA CYS F 109 -12.65 -0.75 33.13
C CYS F 109 -13.85 -0.16 32.40
N ARG F 110 -14.51 -0.99 31.60
CA ARG F 110 -15.73 -0.59 30.93
C ARG F 110 -16.85 -1.57 31.30
N PRO F 111 -18.10 -1.11 31.30
CA PRO F 111 -19.18 -1.97 31.80
C PRO F 111 -19.45 -3.15 30.88
N TRP F 112 -20.14 -4.15 31.44
CA TRP F 112 -20.57 -5.29 30.67
C TRP F 112 -21.66 -4.88 29.68
N THR F 113 -21.77 -5.64 28.60
CA THR F 113 -22.90 -5.48 27.70
C THR F 113 -24.16 -5.96 28.39
N ASN F 114 -25.19 -5.11 28.41
CA ASN F 114 -26.43 -5.43 29.11
C ASN F 114 -27.26 -6.36 28.24
N CYS F 115 -27.30 -7.64 28.63
CA CYS F 115 -28.15 -8.60 27.92
C CYS F 115 -29.63 -8.36 28.23
N SER F 116 -29.94 -7.80 29.40
CA SER F 116 -31.33 -7.58 29.77
C SER F 116 -31.98 -6.49 28.92
N LEU F 117 -31.18 -5.57 28.37
CA LEU F 117 -31.75 -4.49 27.56
C LEU F 117 -32.44 -5.05 26.33
N ASP F 118 -31.87 -6.07 25.72
CA ASP F 118 -32.45 -6.71 24.54
C ASP F 118 -33.31 -7.92 24.89
N GLY F 119 -33.63 -8.10 26.17
CA GLY F 119 -34.49 -9.19 26.59
C GLY F 119 -33.83 -10.54 26.67
N LYS F 120 -32.51 -10.60 26.75
CA LYS F 120 -31.77 -11.86 26.75
C LYS F 120 -31.29 -12.20 28.16
N SER F 121 -31.28 -13.48 28.48
CA SER F 121 -30.67 -13.93 29.72
C SER F 121 -29.14 -13.96 29.58
N VAL F 122 -28.46 -13.99 30.72
CA VAL F 122 -27.01 -14.05 30.74
C VAL F 122 -26.60 -15.52 30.77
N LEU F 123 -25.83 -15.94 29.76
CA LEU F 123 -25.47 -17.34 29.63
C LEU F 123 -24.30 -17.71 30.55
N VAL F 124 -23.23 -16.91 30.53
CA VAL F 124 -22.09 -17.10 31.41
C VAL F 124 -21.87 -15.81 32.18
N ASN F 125 -21.62 -15.95 33.49
CA ASN F 125 -21.39 -14.80 34.35
C ASN F 125 -20.12 -14.06 33.92
N GLY F 126 -20.22 -12.73 33.85
CA GLY F 126 -19.04 -11.92 33.62
C GLY F 126 -18.17 -11.83 34.86
N THR F 127 -16.95 -11.35 34.66
CA THR F 127 -15.99 -11.23 35.75
C THR F 127 -15.25 -9.91 35.58
N LYS F 128 -14.24 -9.70 36.44
CA LYS F 128 -13.40 -8.52 36.35
C LYS F 128 -12.59 -8.50 35.05
N GLU F 129 -12.27 -9.66 34.51
CA GLU F 129 -11.39 -9.72 33.35
C GLU F 129 -12.16 -9.79 32.02
N ARG F 130 -13.30 -10.49 32.00
CA ARG F 130 -13.99 -10.78 30.76
C ARG F 130 -15.40 -10.24 30.78
N ASP F 131 -15.89 -9.89 29.59
CA ASP F 131 -17.26 -9.45 29.41
C ASP F 131 -18.22 -10.62 29.57
N VAL F 132 -19.53 -10.31 29.62
CA VAL F 132 -20.56 -11.35 29.67
C VAL F 132 -20.77 -11.92 28.28
N VAL F 133 -21.45 -13.05 28.18
CA VAL F 133 -21.91 -13.58 26.90
C VAL F 133 -23.42 -13.76 27.01
N CYS F 134 -24.16 -13.07 26.15
CA CYS F 134 -25.62 -13.08 26.24
C CYS F 134 -26.18 -14.36 25.63
N GLY F 135 -27.37 -14.73 26.10
CA GLY F 135 -28.11 -15.80 25.48
C GLY F 135 -28.82 -15.32 24.23
N PRO F 136 -29.56 -16.22 23.59
CA PRO F 136 -30.34 -15.83 22.41
C PRO F 136 -31.46 -14.87 22.76
N SER F 137 -31.88 -14.10 21.75
CA SER F 137 -33.01 -13.19 21.91
C SER F 137 -34.28 -13.99 22.16
N PRO F 138 -35.32 -13.35 22.71
CA PRO F 138 -36.59 -14.08 22.91
C PRO F 138 -37.21 -14.59 21.62
N GLU F 139 -36.82 -14.04 20.47
CA GLU F 139 -37.38 -14.48 19.19
C GLU F 139 -36.83 -15.84 18.77
N ASN F 140 -35.53 -16.09 19.03
CA ASN F 140 -34.95 -17.38 18.72
C ASN F 140 -35.18 -18.39 19.84
N LEU F 141 -35.23 -17.91 21.09
CA LEU F 141 -35.36 -18.80 22.24
C LEU F 141 -36.76 -19.34 22.44
N TYR F 142 -37.79 -18.63 21.95
CA TYR F 142 -39.16 -19.07 22.17
C TYR F 142 -40.06 -18.98 20.96
N PHE F 143 -39.62 -18.42 19.82
CA PHE F 143 -40.50 -18.21 18.68
C PHE F 143 -39.92 -18.72 17.37
N GLN F 144 -38.70 -19.24 17.36
CA GLN F 144 -38.13 -19.86 16.17
C GLN F 144 -37.35 -21.12 16.54
#